data_5QSP
#
_entry.id   5QSP
#
_cell.length_a   154.754
_cell.length_b   166.322
_cell.length_c   46.775
_cell.angle_alpha   90.000
_cell.angle_beta   90.000
_cell.angle_gamma   90.000
#
_symmetry.space_group_name_H-M   'P 21 21 2'
#
loop_
_entity.id
_entity.type
_entity.pdbx_description
1 polymer 'Cohesin subunit SA-1'
2 non-polymer '4-[(4-methylphenyl)methyl]-1,4-thiazinane 1,1-dioxide'
3 water water
#
_entity_poly.entity_id   1
_entity_poly.type   'polypeptide(L)'
_entity_poly.pdbx_seq_one_letter_code
;SMSPNGNLIRMLVLFFLESELHEHAAYLVDSLWESSQELLKDWECMTELLLEEPVQGEEAMSDRQESALIELMVCTIRQA
AEAHPPVGRGTGKRVLTAKERKTQIDDRNKLTEHFIITLPMLLSKYSADAEKVANLLQIPQYFDLEIYSTGRMEKHLDAL
LKQIKFVVEKHVESDVLEACSKTYSILCSEEYTIQNRVDIARSQLIDEFVDRFNHSVEDLLQEGEEADDDDIYNVLSTLK
RLTSFHNAHDLTKWDLFGNCYRLLKTGIEHGAMPEQIVVQALQCSHYSILWQLVKITDGSPSKEDLLVLRKTVKSFLAVC
QQCLSNVNTPVKEQAFMLLCDLLMIFSHQLMTGGREGLQPLVFNPDTGLQSELLSFVMDHVFIDQDEENQSMEGDEEDEA
NKIEALHKRRNLLAAFSKLIIYDIVDMHAAADIFKHYMKYYNDYGDIIKETLSKTRQID
;
_entity_poly.pdbx_strand_id   A,B
#
loop_
_chem_comp.id
_chem_comp.type
_chem_comp.name
_chem_comp.formula
LVV non-polymer '4-[(4-methylphenyl)methyl]-1,4-thiazinane 1,1-dioxide' 'C12 H17 N O2 S'
#
# COMPACT_ATOMS: atom_id res chain seq x y z
N MET A 2 32.41 -35.49 3.94
CA MET A 2 31.04 -35.64 4.59
C MET A 2 31.18 -35.75 6.12
N SER A 3 31.57 -36.92 6.67
CA SER A 3 32.13 -37.09 8.03
C SER A 3 33.61 -36.69 8.04
N PRO A 4 34.42 -36.87 6.94
CA PRO A 4 35.70 -36.16 6.79
C PRO A 4 35.63 -34.62 6.94
N ASN A 5 34.82 -33.94 6.11
CA ASN A 5 34.54 -32.48 6.27
C ASN A 5 33.99 -32.17 7.65
N GLY A 6 33.23 -33.07 8.27
CA GLY A 6 32.79 -32.87 9.66
C GLY A 6 33.97 -32.78 10.63
N ASN A 7 34.89 -33.72 10.56
CA ASN A 7 36.09 -33.71 11.43
C ASN A 7 36.79 -32.36 11.23
N LEU A 8 37.01 -31.93 9.98
CA LEU A 8 37.81 -30.71 9.70
C LEU A 8 37.10 -29.50 10.33
N ILE A 9 35.80 -29.37 10.12
CA ILE A 9 35.02 -28.24 10.70
C ILE A 9 35.05 -28.27 12.22
N ARG A 10 34.90 -29.45 12.84
CA ARG A 10 34.97 -29.62 14.31
C ARG A 10 36.34 -29.16 14.81
N MET A 11 37.43 -29.67 14.22
CA MET A 11 38.81 -29.28 14.65
C MET A 11 38.94 -27.77 14.38
N LEU A 12 38.34 -27.25 13.31
CA LEU A 12 38.42 -25.80 13.00
C LEU A 12 37.77 -24.97 14.10
N VAL A 13 36.59 -25.38 14.58
CA VAL A 13 35.89 -24.69 15.70
C VAL A 13 36.79 -24.75 16.93
N LEU A 14 37.46 -25.90 17.18
CA LEU A 14 38.39 -26.09 18.32
C LEU A 14 39.61 -25.16 18.20
N PHE A 15 40.29 -25.12 17.07
CA PHE A 15 41.49 -24.25 16.86
C PHE A 15 41.09 -22.78 17.16
N PHE A 16 39.95 -22.32 16.66
CA PHE A 16 39.43 -20.94 16.90
C PHE A 16 39.27 -20.65 18.41
N LEU A 17 38.40 -21.43 19.07
CA LEU A 17 38.06 -21.27 20.51
C LEU A 17 39.33 -21.37 21.38
N GLU A 18 40.23 -22.30 21.06
CA GLU A 18 41.33 -22.74 21.96
C GLU A 18 42.58 -21.89 21.76
N SER A 19 42.89 -21.45 20.54
CA SER A 19 44.02 -20.51 20.32
C SER A 19 43.51 -19.08 20.60
N GLU A 20 44.42 -18.20 20.98
CA GLU A 20 44.17 -16.73 20.99
C GLU A 20 44.82 -16.17 19.71
N LEU A 21 45.03 -17.02 18.67
CA LEU A 21 45.75 -16.68 17.39
C LEU A 21 44.79 -16.00 16.41
N HIS A 22 43.49 -16.27 16.55
CA HIS A 22 42.38 -15.52 15.90
C HIS A 22 41.37 -15.12 16.98
N GLU A 23 41.14 -13.82 17.14
CA GLU A 23 40.20 -13.21 18.13
C GLU A 23 38.81 -13.10 17.50
N HIS A 24 38.77 -12.80 16.19
CA HIS A 24 37.52 -12.62 15.39
C HIS A 24 37.34 -13.79 14.40
N ALA A 25 36.15 -14.39 14.43
CA ALA A 25 35.71 -15.45 13.49
C ALA A 25 35.81 -14.93 12.06
N ALA A 26 35.30 -13.72 11.78
CA ALA A 26 35.34 -13.06 10.45
C ALA A 26 36.78 -13.08 9.91
N TYR A 27 37.76 -12.81 10.78
CA TYR A 27 39.18 -12.64 10.39
C TYR A 27 39.75 -14.03 10.10
N LEU A 28 39.39 -15.05 10.89
CA LEU A 28 39.89 -16.45 10.71
C LEU A 28 39.40 -16.99 9.36
N VAL A 29 38.09 -16.86 9.13
CA VAL A 29 37.40 -17.31 7.89
C VAL A 29 38.09 -16.59 6.72
N ASP A 30 38.11 -15.25 6.77
CA ASP A 30 38.72 -14.42 5.70
C ASP A 30 40.13 -14.90 5.35
N SER A 31 40.91 -15.27 6.36
CA SER A 31 42.33 -15.64 6.18
C SER A 31 42.41 -17.03 5.56
N LEU A 32 41.48 -17.92 5.89
CA LEU A 32 41.48 -19.31 5.36
C LEU A 32 40.73 -19.39 4.03
N TRP A 33 40.22 -18.26 3.50
CA TRP A 33 39.20 -18.26 2.41
C TRP A 33 39.79 -18.72 1.08
N GLU A 34 40.95 -18.16 0.70
CA GLU A 34 41.69 -18.56 -0.52
C GLU A 34 41.92 -20.09 -0.54
N SER A 35 42.45 -20.65 0.55
CA SER A 35 42.94 -22.04 0.66
C SER A 35 41.85 -23.05 0.97
N SER A 36 40.76 -22.64 1.61
CA SER A 36 39.76 -23.57 2.19
C SER A 36 38.32 -23.11 1.87
N GLN A 37 38.12 -22.37 0.79
CA GLN A 37 36.77 -21.98 0.33
C GLN A 37 35.84 -23.21 0.22
N GLU A 38 36.31 -24.34 -0.31
CA GLU A 38 35.46 -25.54 -0.54
C GLU A 38 34.94 -26.00 0.82
N LEU A 39 35.83 -26.16 1.78
CA LEU A 39 35.48 -26.64 3.14
C LEU A 39 34.51 -25.65 3.79
N LEU A 40 34.83 -24.36 3.71
CA LEU A 40 34.13 -23.31 4.48
C LEU A 40 32.77 -22.99 3.85
N LYS A 41 32.42 -23.59 2.71
CA LYS A 41 31.05 -23.49 2.18
C LYS A 41 30.38 -24.86 2.15
N ASP A 42 30.85 -25.89 2.88
CA ASP A 42 30.05 -27.14 3.06
C ASP A 42 28.96 -26.85 4.10
N TRP A 43 27.92 -26.11 3.73
CA TRP A 43 26.84 -25.69 4.66
C TRP A 43 25.94 -26.87 5.06
N GLU A 44 25.80 -27.89 4.21
CA GLU A 44 24.98 -29.08 4.57
C GLU A 44 25.68 -29.75 5.74
N CYS A 45 27.00 -29.84 5.67
CA CYS A 45 27.84 -30.46 6.72
C CYS A 45 27.68 -29.69 8.04
N MET A 46 27.84 -28.38 7.99
CA MET A 46 27.62 -27.47 9.14
C MET A 46 26.22 -27.69 9.75
N THR A 47 25.12 -27.45 9.02
CA THR A 47 23.75 -27.53 9.61
C THR A 47 23.49 -28.94 10.17
N GLU A 48 24.10 -29.95 9.55
CA GLU A 48 24.00 -31.37 10.01
C GLU A 48 24.62 -31.49 11.38
N LEU A 49 25.89 -31.12 11.51
CA LEU A 49 26.58 -31.06 12.82
C LEU A 49 25.63 -30.45 13.85
N LEU A 50 25.02 -29.32 13.52
CA LEU A 50 24.24 -28.51 14.51
C LEU A 50 22.90 -29.18 14.78
N LEU A 51 22.28 -29.81 13.77
CA LEU A 51 20.88 -30.25 13.90
C LEU A 51 20.79 -31.71 14.37
N GLU A 52 21.65 -32.58 13.85
CA GLU A 52 21.67 -34.02 14.19
C GLU A 52 22.03 -34.17 15.67
N GLU A 53 21.57 -35.27 16.28
CA GLU A 53 21.99 -35.72 17.63
C GLU A 53 23.15 -36.68 17.44
N PRO A 54 24.07 -36.81 18.44
CA PRO A 54 25.26 -37.64 18.31
C PRO A 54 24.96 -39.16 18.28
N VAL A 55 26.01 -39.98 18.19
CA VAL A 55 25.94 -41.47 18.20
C VAL A 55 26.65 -42.00 19.46
N GLU A 58 31.08 -41.59 19.50
CA GLU A 58 29.99 -40.59 19.27
C GLU A 58 30.56 -39.17 19.41
N GLU A 59 30.37 -38.54 20.57
CA GLU A 59 31.01 -37.28 21.04
C GLU A 59 30.15 -36.05 20.65
N ALA A 60 29.32 -35.56 21.57
CA ALA A 60 28.40 -34.41 21.40
C ALA A 60 29.18 -33.09 21.55
N MET A 61 28.72 -32.04 20.85
CA MET A 61 29.34 -30.69 20.88
C MET A 61 28.92 -30.00 22.18
N SER A 62 29.84 -29.26 22.80
CA SER A 62 29.58 -28.36 23.95
C SER A 62 28.82 -27.11 23.49
N ASP A 63 28.16 -26.44 24.41
CA ASP A 63 27.34 -25.24 24.09
C ASP A 63 28.28 -24.20 23.45
N ARG A 64 29.50 -24.06 23.97
CA ARG A 64 30.46 -23.01 23.50
C ARG A 64 30.85 -23.32 22.05
N GLN A 65 31.07 -24.59 21.70
CA GLN A 65 31.44 -25.05 20.33
C GLN A 65 30.24 -24.89 19.39
N GLU A 66 29.06 -25.36 19.78
CA GLU A 66 27.82 -25.04 19.03
C GLU A 66 27.84 -23.54 18.67
N SER A 67 28.02 -22.62 19.63
CA SER A 67 27.95 -21.16 19.37
C SER A 67 29.00 -20.70 18.37
N ALA A 68 30.25 -21.14 18.54
CA ALA A 68 31.37 -20.84 17.62
C ALA A 68 31.04 -21.37 16.23
N LEU A 69 30.54 -22.60 16.13
CA LEU A 69 30.17 -23.14 14.80
C LEU A 69 29.13 -22.21 14.11
N ILE A 70 28.09 -21.80 14.79
CA ILE A 70 27.10 -20.87 14.18
C ILE A 70 27.83 -19.60 13.73
N GLU A 71 28.64 -19.01 14.59
CA GLU A 71 29.31 -17.72 14.26
C GLU A 71 30.24 -17.94 13.08
N LEU A 72 30.85 -19.11 12.95
CA LEU A 72 31.79 -19.36 11.83
C LEU A 72 30.99 -19.51 10.54
N MET A 73 30.01 -20.40 10.56
CA MET A 73 29.00 -20.61 9.49
C MET A 73 28.48 -19.26 8.97
N VAL A 74 28.10 -18.32 9.83
CA VAL A 74 27.50 -17.04 9.37
C VAL A 74 28.60 -16.19 8.72
N CYS A 75 29.81 -16.26 9.25
CA CYS A 75 30.94 -15.51 8.66
C CYS A 75 31.20 -16.00 7.23
N THR A 76 31.16 -17.33 7.03
CA THR A 76 31.38 -17.97 5.72
C THR A 76 30.23 -17.60 4.79
N ILE A 77 29.00 -17.59 5.28
CA ILE A 77 27.83 -17.18 4.47
C ILE A 77 28.04 -15.75 3.97
N ARG A 78 28.47 -14.82 4.85
CA ARG A 78 28.74 -13.41 4.46
C ARG A 78 29.83 -13.40 3.38
N GLN A 79 30.95 -14.07 3.63
CA GLN A 79 32.11 -14.00 2.70
C GLN A 79 31.68 -14.51 1.33
N ALA A 80 30.93 -15.62 1.28
CA ALA A 80 30.52 -16.22 0.00
C ALA A 80 29.58 -15.27 -0.74
N ALA A 81 28.63 -14.65 -0.04
CA ALA A 81 27.57 -13.85 -0.68
C ALA A 81 28.15 -12.51 -1.13
N GLU A 82 29.03 -11.90 -0.32
CA GLU A 82 29.61 -10.54 -0.55
C GLU A 82 30.84 -10.67 -1.46
N ALA A 83 31.54 -11.81 -1.40
CA ALA A 83 32.73 -12.12 -2.22
C ALA A 83 33.77 -11.01 -2.07
N HIS A 84 34.02 -10.61 -0.84
CA HIS A 84 35.04 -9.60 -0.47
C HIS A 84 35.38 -9.83 1.00
N PRO A 85 36.64 -9.58 1.43
CA PRO A 85 36.99 -9.64 2.85
C PRO A 85 36.05 -8.84 3.73
N PRO A 86 36.00 -9.15 5.05
CA PRO A 86 35.08 -8.49 5.97
C PRO A 86 35.58 -7.07 6.24
N VAL A 87 34.71 -6.19 6.74
CA VAL A 87 35.10 -4.80 7.05
C VAL A 87 36.38 -4.87 7.89
N GLY A 88 37.38 -4.08 7.53
CA GLY A 88 38.67 -4.01 8.22
C GLY A 88 39.62 -5.13 7.82
N ARG A 89 39.35 -5.84 6.72
CA ARG A 89 40.39 -6.56 5.92
C ARG A 89 40.23 -6.19 4.43
N GLY A 90 39.36 -5.21 4.10
CA GLY A 90 39.14 -4.73 2.71
C GLY A 90 40.41 -4.12 2.12
N THR A 91 40.45 -3.87 0.79
CA THR A 91 41.48 -3.02 0.10
C THR A 91 40.82 -2.20 -1.01
N ARG A 94 38.53 -4.21 -5.62
CA ARG A 94 37.09 -4.53 -5.37
C ARG A 94 36.43 -5.21 -6.57
N VAL A 95 37.14 -5.41 -7.71
CA VAL A 95 36.58 -5.89 -9.02
C VAL A 95 36.75 -7.41 -9.18
N LEU A 96 35.65 -8.12 -9.37
CA LEU A 96 35.61 -9.60 -9.48
C LEU A 96 35.89 -10.02 -10.92
N THR A 97 36.65 -11.11 -11.06
CA THR A 97 36.84 -11.83 -12.33
C THR A 97 35.50 -12.49 -12.71
N ALA A 98 35.32 -12.91 -13.96
CA ALA A 98 34.12 -13.62 -14.42
C ALA A 98 33.89 -14.87 -13.56
N LYS A 99 34.97 -15.57 -13.19
CA LYS A 99 34.85 -16.86 -12.48
C LYS A 99 34.42 -16.60 -11.03
N GLU A 100 34.99 -15.56 -10.39
CA GLU A 100 34.59 -15.10 -9.04
C GLU A 100 33.13 -14.64 -9.08
N ARG A 101 32.69 -14.01 -10.16
CA ARG A 101 31.29 -13.53 -10.29
C ARG A 101 30.38 -14.75 -10.43
N LYS A 102 30.76 -15.72 -11.25
CA LYS A 102 29.97 -16.97 -11.43
C LYS A 102 29.90 -17.71 -10.09
N THR A 103 31.00 -17.76 -9.33
CA THR A 103 31.06 -18.48 -8.02
C THR A 103 30.18 -17.79 -7.00
N GLN A 104 30.25 -16.46 -6.91
CA GLN A 104 29.35 -15.63 -6.08
C GLN A 104 27.87 -15.96 -6.39
N ILE A 105 27.50 -16.10 -7.66
CA ILE A 105 26.07 -16.32 -8.05
C ILE A 105 25.65 -17.72 -7.58
N ASP A 106 26.50 -18.70 -7.89
CA ASP A 106 26.20 -20.13 -7.57
C ASP A 106 26.14 -20.24 -6.05
N ASP A 107 27.11 -19.65 -5.35
CA ASP A 107 27.24 -19.70 -3.86
C ASP A 107 25.99 -19.08 -3.24
N ARG A 108 25.58 -17.89 -3.69
CA ARG A 108 24.32 -17.28 -3.23
C ARG A 108 23.15 -18.23 -3.50
N ASN A 109 23.15 -18.90 -4.65
CA ASN A 109 22.04 -19.84 -4.95
C ASN A 109 22.03 -21.00 -3.96
N LYS A 110 23.19 -21.54 -3.61
CA LYS A 110 23.31 -22.76 -2.79
C LYS A 110 22.88 -22.46 -1.36
N LEU A 111 23.46 -21.41 -0.78
CA LEU A 111 23.14 -20.97 0.59
C LEU A 111 21.69 -20.48 0.65
N THR A 112 21.16 -19.89 -0.40
CA THR A 112 19.75 -19.46 -0.32
C THR A 112 18.86 -20.71 -0.30
N GLU A 113 19.03 -21.63 -1.24
CA GLU A 113 18.16 -22.84 -1.27
C GLU A 113 18.34 -23.57 0.04
N HIS A 114 19.54 -23.57 0.62
CA HIS A 114 19.85 -24.49 1.74
C HIS A 114 19.25 -23.92 3.01
N PHE A 115 19.51 -22.64 3.27
CA PHE A 115 19.15 -22.03 4.56
C PHE A 115 17.69 -21.64 4.54
N ILE A 116 17.06 -21.42 3.39
CA ILE A 116 15.58 -21.23 3.38
C ILE A 116 14.95 -22.45 4.06
N ILE A 117 15.40 -23.64 3.68
CA ILE A 117 14.94 -24.93 4.25
C ILE A 117 15.35 -25.05 5.72
N THR A 118 16.64 -24.86 6.05
CA THR A 118 17.27 -25.26 7.35
C THR A 118 17.29 -24.13 8.38
N LEU A 119 17.13 -22.86 8.02
CA LEU A 119 17.20 -21.79 9.05
C LEU A 119 16.03 -21.93 10.03
N PRO A 120 14.81 -22.27 9.58
CA PRO A 120 13.72 -22.54 10.53
C PRO A 120 14.07 -23.64 11.54
N MET A 121 14.62 -24.73 11.03
CA MET A 121 15.01 -25.90 11.87
C MET A 121 16.06 -25.46 12.89
N LEU A 122 17.00 -24.61 12.48
CA LEU A 122 18.08 -24.06 13.35
C LEU A 122 17.45 -23.14 14.40
N LEU A 123 16.61 -22.21 13.99
CA LEU A 123 15.94 -21.28 14.95
C LEU A 123 15.14 -22.09 15.98
N SER A 124 14.37 -23.06 15.51
CA SER A 124 13.53 -23.94 16.34
C SER A 124 14.39 -24.50 17.48
N LYS A 125 15.49 -25.21 17.15
CA LYS A 125 16.35 -25.99 18.09
C LYS A 125 17.02 -25.04 19.08
N TYR A 126 17.53 -23.92 18.62
CA TYR A 126 18.33 -22.98 19.44
C TYR A 126 17.50 -21.78 19.88
N SER A 127 16.16 -21.89 19.88
CA SER A 127 15.21 -20.75 20.09
C SER A 127 15.45 -20.00 21.40
N ALA A 128 15.83 -20.69 22.46
CA ALA A 128 16.09 -20.11 23.79
C ALA A 128 17.43 -19.32 23.84
N ASP A 129 18.47 -19.79 23.14
CA ASP A 129 19.85 -19.22 23.21
C ASP A 129 19.83 -17.89 22.47
N ALA A 130 19.85 -16.77 23.20
CA ALA A 130 19.75 -15.42 22.61
C ALA A 130 20.92 -15.12 21.68
N GLU A 131 22.15 -15.51 22.02
CA GLU A 131 23.36 -15.20 21.20
C GLU A 131 23.17 -15.93 19.87
N LYS A 132 22.96 -17.24 19.94
CA LYS A 132 22.83 -18.10 18.75
C LYS A 132 21.72 -17.58 17.85
N VAL A 133 20.57 -17.22 18.41
CA VAL A 133 19.42 -16.79 17.57
C VAL A 133 19.77 -15.46 16.88
N ALA A 134 20.35 -14.50 17.59
CA ALA A 134 20.75 -13.23 16.97
C ALA A 134 21.80 -13.47 15.87
N ASN A 135 22.62 -14.52 15.98
CA ASN A 135 23.61 -14.87 14.94
C ASN A 135 22.86 -15.47 13.76
N LEU A 136 22.04 -16.49 14.03
CA LEU A 136 21.27 -17.21 13.00
C LEU A 136 20.40 -16.22 12.19
N LEU A 137 19.93 -15.12 12.77
CA LEU A 137 19.03 -14.18 12.04
C LEU A 137 19.84 -13.14 11.24
N GLN A 138 21.17 -13.19 11.27
CA GLN A 138 22.02 -12.39 10.35
C GLN A 138 21.95 -13.04 8.96
N ILE A 139 21.37 -14.24 8.83
CA ILE A 139 21.50 -15.05 7.59
C ILE A 139 20.62 -14.54 6.46
N PRO A 140 19.31 -14.28 6.64
CA PRO A 140 18.45 -13.96 5.50
C PRO A 140 18.83 -12.71 4.70
N GLN A 141 19.57 -11.76 5.30
CA GLN A 141 20.06 -10.52 4.60
C GLN A 141 20.86 -10.92 3.35
N TYR A 142 21.53 -12.08 3.38
CA TYR A 142 22.29 -12.70 2.27
C TYR A 142 21.44 -13.62 1.39
N PHE A 143 20.12 -13.69 1.57
CA PHE A 143 19.29 -14.57 0.72
C PHE A 143 19.07 -13.91 -0.62
N ASP A 144 18.91 -14.74 -1.63
CA ASP A 144 18.37 -14.38 -2.96
C ASP A 144 16.85 -14.61 -2.85
N LEU A 145 16.14 -13.64 -2.26
CA LEU A 145 14.72 -13.77 -1.80
C LEU A 145 13.79 -14.20 -2.92
N GLU A 146 14.12 -13.98 -4.19
CA GLU A 146 13.25 -14.36 -5.34
C GLU A 146 13.01 -15.88 -5.28
N ILE A 147 13.95 -16.62 -4.71
CA ILE A 147 13.85 -18.11 -4.66
C ILE A 147 12.62 -18.50 -3.84
N TYR A 148 12.11 -17.66 -2.93
CA TYR A 148 10.93 -18.00 -2.09
C TYR A 148 9.72 -18.29 -3.00
N SER A 149 9.64 -17.68 -4.18
CA SER A 149 8.61 -17.95 -5.23
C SER A 149 9.05 -19.14 -6.10
N THR A 150 10.11 -18.95 -6.89
CA THR A 150 10.82 -19.91 -7.80
C THR A 150 10.71 -21.37 -7.35
N GLY A 151 11.27 -21.73 -6.18
CA GLY A 151 11.39 -23.13 -5.71
C GLY A 151 10.10 -23.68 -5.11
N ARG A 152 8.99 -22.94 -5.26
CA ARG A 152 7.65 -23.21 -4.65
C ARG A 152 7.84 -23.48 -3.16
N MET A 153 8.57 -22.56 -2.52
CA MET A 153 9.16 -22.71 -1.17
C MET A 153 8.35 -21.88 -0.16
N GLU A 154 7.09 -21.58 -0.48
CA GLU A 154 6.20 -20.82 0.42
C GLU A 154 6.12 -21.58 1.76
N LYS A 155 6.11 -22.92 1.75
CA LYS A 155 5.95 -23.69 3.01
C LYS A 155 7.08 -23.29 3.96
N HIS A 156 8.28 -23.02 3.45
CA HIS A 156 9.47 -22.67 4.27
C HIS A 156 9.48 -21.20 4.68
N LEU A 157 8.93 -20.30 3.89
CA LEU A 157 8.76 -18.89 4.34
C LEU A 157 7.85 -18.89 5.58
N ASP A 158 6.70 -19.57 5.50
CA ASP A 158 5.75 -19.75 6.65
C ASP A 158 6.57 -20.29 7.84
N ALA A 159 7.31 -21.37 7.62
CA ALA A 159 8.16 -21.99 8.66
C ALA A 159 9.07 -20.93 9.34
N LEU A 160 9.70 -20.04 8.59
CA LEU A 160 10.62 -19.04 9.19
C LEU A 160 9.80 -18.08 10.05
N LEU A 161 8.71 -17.53 9.49
CA LEU A 161 7.88 -16.47 10.14
C LEU A 161 7.32 -16.99 11.46
N LYS A 162 6.86 -18.25 11.43
CA LYS A 162 6.52 -19.06 12.61
C LYS A 162 7.65 -18.87 13.63
N GLN A 163 8.90 -19.22 13.27
CA GLN A 163 10.01 -19.35 14.26
C GLN A 163 10.45 -17.95 14.68
N ILE A 164 10.35 -16.95 13.80
CA ILE A 164 10.62 -15.54 14.20
C ILE A 164 9.59 -15.13 15.26
N LYS A 165 8.30 -15.39 15.03
CA LYS A 165 7.24 -15.20 16.06
C LYS A 165 7.67 -15.90 17.35
N PHE A 166 8.03 -17.20 17.36
CA PHE A 166 8.37 -17.87 18.65
C PHE A 166 9.53 -17.15 19.30
N VAL A 167 10.52 -16.73 18.53
CA VAL A 167 11.72 -16.03 19.07
C VAL A 167 11.29 -14.72 19.71
N VAL A 168 10.53 -13.89 19.00
CA VAL A 168 10.12 -12.53 19.49
C VAL A 168 9.31 -12.73 20.78
N GLU A 169 8.53 -13.81 20.84
CA GLU A 169 7.62 -14.11 21.97
C GLU A 169 8.44 -14.56 23.18
N LYS A 170 9.60 -15.19 22.99
CA LYS A 170 10.34 -15.86 24.09
C LYS A 170 11.36 -14.87 24.67
N HIS A 171 11.73 -13.81 23.92
CA HIS A 171 12.95 -12.99 24.23
C HIS A 171 12.69 -11.50 24.49
N VAL A 172 13.59 -10.85 25.23
CA VAL A 172 13.60 -9.37 25.45
C VAL A 172 15.00 -8.76 25.19
N GLU A 173 16.02 -9.53 24.83
CA GLU A 173 17.39 -8.99 24.56
C GLU A 173 17.34 -8.08 23.32
N SER A 174 17.95 -6.89 23.40
CA SER A 174 17.82 -5.87 22.34
C SER A 174 18.45 -6.43 21.07
N ASP A 175 19.52 -7.21 21.21
CA ASP A 175 20.17 -7.90 20.07
C ASP A 175 19.15 -8.75 19.33
N VAL A 176 18.49 -9.66 20.05
CA VAL A 176 17.56 -10.64 19.44
C VAL A 176 16.41 -9.91 18.76
N LEU A 177 15.76 -9.01 19.50
CA LEU A 177 14.56 -8.29 19.01
C LEU A 177 14.94 -7.52 17.76
N GLU A 178 16.14 -6.94 17.76
CA GLU A 178 16.65 -6.09 16.65
C GLU A 178 16.87 -6.96 15.40
N ALA A 179 17.39 -8.16 15.59
CA ALA A 179 17.61 -9.12 14.49
C ALA A 179 16.27 -9.52 13.90
N CYS A 180 15.23 -9.69 14.71
CA CYS A 180 13.86 -10.04 14.24
C CYS A 180 13.32 -8.86 13.43
N SER A 181 13.50 -7.66 13.96
CA SER A 181 12.97 -6.42 13.38
C SER A 181 13.57 -6.26 11.98
N LYS A 182 14.90 -6.28 11.89
CA LYS A 182 15.65 -6.19 10.61
C LYS A 182 15.28 -7.36 9.68
N THR A 183 15.06 -8.56 10.19
CA THR A 183 14.75 -9.73 9.35
C THR A 183 13.35 -9.56 8.76
N TYR A 184 12.41 -8.92 9.47
CA TYR A 184 11.06 -8.70 8.87
C TYR A 184 11.18 -7.65 7.77
N SER A 185 11.92 -6.55 8.03
CA SER A 185 12.32 -5.50 7.04
C SER A 185 12.79 -6.12 5.72
N ILE A 186 13.75 -7.06 5.80
CA ILE A 186 14.39 -7.70 4.62
C ILE A 186 13.34 -8.54 3.88
N LEU A 187 12.61 -9.39 4.59
CA LEU A 187 11.59 -10.25 3.95
C LEU A 187 10.53 -9.41 3.23
N CYS A 188 10.11 -8.27 3.80
CA CYS A 188 9.03 -7.41 3.26
C CYS A 188 9.46 -6.72 1.98
N SER A 189 10.31 -5.70 2.13
CA SER A 189 10.48 -4.60 1.15
C SER A 189 11.56 -4.96 0.12
N GLU A 190 11.73 -6.25 -0.20
CA GLU A 190 12.74 -6.71 -1.17
C GLU A 190 12.20 -7.87 -2.04
N GLU A 191 10.89 -7.97 -2.30
CA GLU A 191 10.30 -8.91 -3.31
C GLU A 191 8.77 -8.87 -3.24
N TYR A 192 8.02 -8.60 -4.32
CA TYR A 192 6.55 -8.33 -4.16
C TYR A 192 5.81 -9.63 -3.85
N THR A 193 6.20 -10.70 -4.54
CA THR A 193 5.51 -12.02 -4.46
C THR A 193 5.26 -12.33 -2.97
N ILE A 194 6.29 -12.13 -2.13
CA ILE A 194 6.30 -12.52 -0.69
C ILE A 194 5.96 -11.33 0.21
N GLN A 195 6.10 -10.08 -0.26
CA GLN A 195 5.79 -8.88 0.57
C GLN A 195 4.45 -9.12 1.28
N ASN A 196 3.37 -9.38 0.53
CA ASN A 196 1.97 -9.44 1.04
C ASN A 196 1.89 -10.45 2.18
N ARG A 197 2.49 -11.62 2.00
CA ARG A 197 2.45 -12.71 3.01
C ARG A 197 3.13 -12.25 4.30
N VAL A 198 4.36 -11.72 4.20
CA VAL A 198 5.16 -11.24 5.37
C VAL A 198 4.46 -10.07 6.08
N ASP A 199 3.91 -9.08 5.35
CA ASP A 199 3.20 -7.91 5.93
C ASP A 199 2.14 -8.44 6.90
N ILE A 200 1.43 -9.49 6.50
CA ILE A 200 0.30 -10.08 7.29
C ILE A 200 0.89 -10.64 8.60
N ALA A 201 1.93 -11.46 8.51
CA ALA A 201 2.58 -12.12 9.67
C ALA A 201 3.13 -11.03 10.59
N ARG A 202 3.66 -9.96 10.01
CA ARG A 202 4.25 -8.84 10.79
C ARG A 202 3.14 -8.11 11.55
N SER A 203 2.19 -7.54 10.83
CA SER A 203 1.13 -6.70 11.42
C SER A 203 0.33 -7.56 12.41
N GLN A 204 0.21 -8.86 12.19
CA GLN A 204 -0.48 -9.75 13.15
C GLN A 204 0.35 -9.77 14.43
N LEU A 205 1.66 -10.00 14.30
CA LEU A 205 2.61 -9.99 15.44
C LEU A 205 2.54 -8.66 16.19
N ILE A 206 2.60 -7.56 15.46
CA ILE A 206 2.54 -6.22 16.10
C ILE A 206 1.24 -6.09 16.89
N ASP A 207 0.06 -6.32 16.26
CA ASP A 207 -1.28 -6.24 16.92
C ASP A 207 -1.24 -7.01 18.24
N GLU A 208 -0.72 -8.24 18.26
CA GLU A 208 -0.78 -9.09 19.49
C GLU A 208 0.00 -8.39 20.61
N PHE A 209 1.14 -7.77 20.27
CA PHE A 209 2.04 -7.08 21.25
C PHE A 209 1.46 -5.70 21.64
N VAL A 210 0.89 -4.98 20.70
CA VAL A 210 0.20 -3.69 21.00
C VAL A 210 -0.97 -3.93 21.96
N ASP A 211 -1.72 -5.03 21.80
CA ASP A 211 -2.78 -5.40 22.76
C ASP A 211 -2.14 -5.67 24.10
N ARG A 212 -1.20 -6.60 24.16
CA ARG A 212 -0.55 -6.99 25.44
C ARG A 212 0.02 -5.71 26.10
N PHE A 213 0.67 -4.83 25.34
CA PHE A 213 1.28 -3.59 25.90
C PHE A 213 0.17 -2.69 26.48
N ASN A 214 -0.89 -2.43 25.72
CA ASN A 214 -1.98 -1.48 26.09
C ASN A 214 -2.65 -2.00 27.37
N HIS A 215 -2.91 -3.31 27.46
CA HIS A 215 -3.55 -3.97 28.63
C HIS A 215 -2.57 -3.87 29.81
N SER A 216 -1.26 -4.00 29.59
CA SER A 216 -0.24 -3.94 30.67
C SER A 216 -0.10 -2.51 31.19
N VAL A 217 -0.09 -1.53 30.29
CA VAL A 217 0.00 -0.09 30.64
C VAL A 217 -1.16 0.20 31.60
N GLU A 218 -2.37 -0.18 31.20
CA GLU A 218 -3.61 0.08 31.97
C GLU A 218 -3.51 -0.63 33.32
N ASP A 219 -2.95 -1.85 33.36
CA ASP A 219 -2.75 -2.57 34.63
C ASP A 219 -1.86 -1.69 35.53
N LEU A 220 -0.64 -1.47 35.09
CA LEU A 220 0.37 -0.68 35.82
C LEU A 220 -0.23 0.64 36.34
N LEU A 221 -0.87 1.43 35.49
CA LEU A 221 -1.27 2.84 35.82
C LEU A 221 -2.44 2.86 36.81
N GLN A 222 -3.42 1.96 36.66
CA GLN A 222 -4.62 1.91 37.54
C GLN A 222 -4.16 1.51 38.95
N GLU A 223 -3.05 0.76 39.04
CA GLU A 223 -2.27 0.49 40.28
C GLU A 223 -1.21 1.60 40.36
N GLU A 226 1.32 1.48 44.52
CA GLU A 226 1.18 -0.01 44.63
C GLU A 226 1.10 -0.59 43.22
N ALA A 227 2.00 -1.53 42.90
CA ALA A 227 2.19 -2.09 41.55
C ALA A 227 3.00 -3.37 41.67
N ASP A 228 2.45 -4.46 41.15
CA ASP A 228 3.05 -5.81 41.16
C ASP A 228 4.37 -5.78 40.36
N ASP A 229 5.33 -6.66 40.68
CA ASP A 229 6.50 -6.97 39.82
C ASP A 229 6.04 -7.49 38.45
N ASP A 230 4.93 -8.22 38.39
CA ASP A 230 4.33 -8.71 37.11
C ASP A 230 3.94 -7.53 36.23
N ASP A 231 3.37 -6.49 36.84
CA ASP A 231 2.81 -5.29 36.14
C ASP A 231 3.97 -4.59 35.41
N ILE A 232 5.12 -4.51 36.09
CA ILE A 232 6.37 -3.91 35.55
C ILE A 232 6.94 -4.82 34.46
N TYR A 233 7.12 -6.12 34.70
CA TYR A 233 7.62 -7.06 33.66
C TYR A 233 6.77 -6.93 32.39
N ASN A 234 5.44 -7.02 32.53
CA ASN A 234 4.47 -7.00 31.41
C ASN A 234 4.68 -5.73 30.57
N VAL A 235 4.65 -4.55 31.20
CA VAL A 235 4.85 -3.26 30.46
C VAL A 235 6.23 -3.32 29.81
N LEU A 236 7.28 -3.52 30.59
CA LEU A 236 8.66 -3.45 30.08
C LEU A 236 8.81 -4.40 28.89
N SER A 237 8.44 -5.67 29.08
CA SER A 237 8.74 -6.76 28.12
C SER A 237 8.08 -6.48 26.78
N THR A 238 6.82 -6.02 26.80
CA THR A 238 6.02 -5.76 25.56
C THR A 238 6.54 -4.49 24.90
N LEU A 239 6.83 -3.48 25.72
CA LEU A 239 7.35 -2.18 25.21
C LEU A 239 8.70 -2.43 24.52
N LYS A 240 9.56 -3.30 25.06
CA LYS A 240 10.89 -3.57 24.45
C LYS A 240 10.68 -4.05 23.02
N ARG A 241 9.82 -5.06 22.83
CA ARG A 241 9.52 -5.61 21.48
C ARG A 241 9.07 -4.50 20.53
N LEU A 242 8.19 -3.62 21.00
CA LEU A 242 7.62 -2.59 20.11
C LEU A 242 8.67 -1.53 19.78
N THR A 243 9.41 -1.05 20.78
CA THR A 243 10.55 -0.11 20.59
C THR A 243 11.52 -0.68 19.56
N SER A 244 12.03 -1.91 19.79
CA SER A 244 12.93 -2.64 18.89
C SER A 244 12.44 -2.48 17.46
N PHE A 245 11.25 -2.99 17.17
CA PHE A 245 10.60 -2.94 15.84
C PHE A 245 10.36 -1.50 15.36
N HIS A 246 10.05 -0.53 16.24
CA HIS A 246 9.60 0.83 15.82
C HIS A 246 10.73 1.61 15.12
N ASN A 247 11.99 1.20 15.29
CA ASN A 247 13.12 1.83 14.55
C ASN A 247 12.91 1.67 13.03
N ALA A 248 12.69 0.45 12.55
CA ALA A 248 12.67 0.09 11.11
C ALA A 248 11.26 -0.17 10.59
N HIS A 249 10.23 -0.20 11.45
CA HIS A 249 8.84 -0.37 10.99
C HIS A 249 8.01 0.82 11.46
N ASP A 250 7.25 1.43 10.53
CA ASP A 250 6.38 2.60 10.82
C ASP A 250 5.15 2.10 11.57
N LEU A 251 5.14 2.21 12.89
CA LEU A 251 4.03 1.71 13.76
C LEU A 251 3.09 2.86 14.17
N THR A 252 2.98 3.93 13.41
CA THR A 252 2.21 5.13 13.84
C THR A 252 0.69 4.87 13.77
N LYS A 253 0.24 3.81 13.10
CA LYS A 253 -1.21 3.44 12.96
C LYS A 253 -1.72 3.00 14.34
N TRP A 254 -0.84 2.41 15.13
CA TRP A 254 -1.04 2.13 16.57
C TRP A 254 -0.55 3.37 17.33
N ASP A 255 -1.38 4.06 18.08
CA ASP A 255 -0.93 5.30 18.74
C ASP A 255 -0.10 4.90 19.97
N LEU A 256 1.15 4.47 19.79
CA LEU A 256 2.03 4.07 20.92
C LEU A 256 2.52 5.33 21.66
N PHE A 257 2.73 6.44 20.96
CA PHE A 257 3.22 7.70 21.58
C PHE A 257 2.37 8.00 22.82
N GLY A 258 1.04 7.91 22.70
CA GLY A 258 0.08 8.28 23.76
C GLY A 258 0.38 7.57 25.07
N ASN A 259 0.64 6.26 25.01
CA ASN A 259 0.83 5.40 26.20
C ASN A 259 2.26 5.58 26.69
N CYS A 260 3.21 5.76 25.78
CA CYS A 260 4.60 6.06 26.21
C CYS A 260 4.58 7.39 26.98
N TYR A 261 3.85 8.39 26.46
CA TYR A 261 3.71 9.72 27.10
C TYR A 261 3.12 9.58 28.52
N ARG A 262 2.17 8.65 28.72
CA ARG A 262 1.46 8.50 30.01
C ARG A 262 2.39 7.81 31.00
N LEU A 263 3.07 6.77 30.52
CA LEU A 263 4.13 6.09 31.31
C LEU A 263 5.12 7.15 31.81
N LEU A 264 5.64 7.99 30.92
CA LEU A 264 6.64 9.03 31.29
C LEU A 264 6.00 10.09 32.21
N LYS A 265 4.79 10.63 31.90
CA LYS A 265 4.08 11.66 32.70
C LYS A 265 3.83 11.13 34.12
N THR A 266 3.47 9.86 34.25
CA THR A 266 3.25 9.22 35.57
C THR A 266 4.55 9.16 36.37
N GLY A 267 5.63 8.69 35.75
CA GLY A 267 6.94 8.54 36.42
C GLY A 267 7.50 9.88 36.86
N ILE A 268 7.24 10.95 36.10
CA ILE A 268 7.70 12.33 36.44
C ILE A 268 6.90 12.75 37.67
N GLU A 269 5.57 12.58 37.61
CA GLU A 269 4.60 13.04 38.65
C GLU A 269 4.92 12.33 39.97
N HIS A 270 4.75 11.01 40.02
CA HIS A 270 4.82 10.21 41.27
C HIS A 270 6.26 9.69 41.45
N GLY A 271 7.16 10.08 40.53
CA GLY A 271 8.63 9.97 40.66
C GLY A 271 9.18 8.55 40.57
N ALA A 272 8.32 7.52 40.36
CA ALA A 272 8.57 6.10 40.76
C ALA A 272 8.50 5.10 39.59
N MET A 273 8.79 5.51 38.35
CA MET A 273 8.76 4.61 37.16
C MET A 273 10.10 3.86 36.97
N PRO A 274 10.13 2.51 36.87
CA PRO A 274 11.39 1.80 36.71
C PRO A 274 12.22 2.32 35.53
N GLU A 275 13.54 2.40 35.74
CA GLU A 275 14.46 3.06 34.78
C GLU A 275 14.23 2.49 33.37
N GLN A 276 14.16 1.16 33.21
CA GLN A 276 14.15 0.58 31.84
C GLN A 276 12.80 0.90 31.17
N ILE A 277 11.71 1.00 31.91
CA ILE A 277 10.43 1.51 31.33
C ILE A 277 10.62 2.96 30.86
N VAL A 278 11.22 3.82 31.67
CA VAL A 278 11.47 5.21 31.20
C VAL A 278 12.30 5.20 29.91
N VAL A 279 13.46 4.53 29.93
CA VAL A 279 14.43 4.51 28.79
C VAL A 279 13.69 4.10 27.51
N GLN A 280 12.97 2.97 27.53
CA GLN A 280 12.30 2.38 26.34
C GLN A 280 11.14 3.29 25.87
N ALA A 281 10.28 3.70 26.79
CA ALA A 281 9.23 4.70 26.57
C ALA A 281 9.85 5.93 25.86
N LEU A 282 11.02 6.38 26.32
CA LEU A 282 11.73 7.50 25.64
C LEU A 282 12.07 7.09 24.19
N GLN A 283 12.79 6.00 23.98
CA GLN A 283 13.22 5.52 22.64
C GLN A 283 11.98 5.33 21.74
N CYS A 284 10.96 4.63 22.24
CA CYS A 284 9.72 4.33 21.46
C CYS A 284 9.04 5.64 21.04
N SER A 285 8.85 6.58 21.96
CA SER A 285 8.27 7.91 21.65
C SER A 285 9.10 8.63 20.56
N HIS A 286 10.42 8.61 20.67
CA HIS A 286 11.35 9.29 19.72
C HIS A 286 11.12 8.70 18.34
N TYR A 287 11.07 7.35 18.24
CA TYR A 287 10.88 6.61 16.97
C TYR A 287 9.51 6.93 16.38
N SER A 288 8.48 7.13 17.20
CA SER A 288 7.13 7.53 16.74
C SER A 288 7.25 8.88 16.07
N ILE A 289 7.92 9.83 16.72
CA ILE A 289 8.09 11.22 16.21
C ILE A 289 8.84 11.18 14.88
N LEU A 290 9.97 10.49 14.78
CA LEU A 290 10.78 10.47 13.52
C LEU A 290 9.92 10.03 12.34
N TRP A 291 9.10 9.03 12.60
CA TRP A 291 8.14 8.47 11.62
C TRP A 291 7.01 9.48 11.34
N GLN A 292 6.40 10.12 12.35
CA GLN A 292 5.38 11.18 12.09
C GLN A 292 5.99 12.21 11.13
N LEU A 293 7.27 12.55 11.33
CA LEU A 293 7.98 13.62 10.58
C LEU A 293 8.19 13.21 9.12
N VAL A 294 8.62 11.97 8.88
CA VAL A 294 8.83 11.39 7.52
C VAL A 294 7.52 11.47 6.72
N LYS A 295 6.39 11.09 7.32
CA LYS A 295 5.04 11.07 6.68
C LYS A 295 4.64 12.50 6.32
N ILE A 296 5.05 13.48 7.12
CA ILE A 296 4.68 14.92 6.88
C ILE A 296 5.58 15.52 5.79
N THR A 297 6.92 15.37 5.86
CA THR A 297 7.87 15.83 4.82
C THR A 297 7.36 15.42 3.44
N ASP A 298 7.04 14.13 3.27
CA ASP A 298 6.77 13.44 1.98
C ASP A 298 5.33 13.75 1.50
N GLY A 299 4.33 13.72 2.39
CA GLY A 299 2.96 14.18 2.06
C GLY A 299 2.93 15.62 1.59
N SER A 300 1.74 16.18 1.42
CA SER A 300 1.51 17.66 1.39
C SER A 300 0.72 18.00 2.65
N PRO A 301 1.40 18.45 3.73
CA PRO A 301 0.79 18.56 5.05
C PRO A 301 0.03 19.88 5.27
N SER A 302 -1.19 19.82 5.80
CA SER A 302 -2.03 21.01 6.07
C SER A 302 -1.39 21.82 7.19
N LYS A 303 -1.98 22.94 7.55
CA LYS A 303 -1.52 23.78 8.68
C LYS A 303 -1.68 23.01 10.00
N GLU A 304 -2.82 22.35 10.22
CA GLU A 304 -3.20 21.69 11.50
C GLU A 304 -2.38 20.40 11.65
N ASP A 305 -2.09 19.73 10.53
CA ASP A 305 -1.18 18.55 10.47
C ASP A 305 0.13 18.91 11.17
N LEU A 306 0.78 20.01 10.74
CA LEU A 306 2.05 20.53 11.32
C LEU A 306 1.85 20.86 12.80
N LEU A 307 0.82 21.66 13.13
CA LEU A 307 0.58 22.16 14.50
C LEU A 307 0.28 20.99 15.43
N VAL A 308 -0.30 19.90 14.94
CA VAL A 308 -0.51 18.67 15.80
C VAL A 308 0.86 18.05 16.09
N LEU A 309 1.71 17.86 15.07
CA LEU A 309 3.06 17.28 15.29
C LEU A 309 3.86 18.24 16.19
N ARG A 310 3.70 19.56 16.03
CA ARG A 310 4.39 20.57 16.90
C ARG A 310 4.02 20.29 18.37
N LYS A 311 2.73 20.25 18.71
CA LYS A 311 2.31 20.02 20.11
C LYS A 311 2.97 18.73 20.65
N THR A 312 3.00 17.67 19.82
CA THR A 312 3.58 16.36 20.20
C THR A 312 5.04 16.56 20.57
N VAL A 313 5.80 17.18 19.66
CA VAL A 313 7.28 17.33 19.79
C VAL A 313 7.57 18.23 20.99
N LYS A 314 6.76 19.26 21.24
CA LYS A 314 7.01 20.21 22.35
C LYS A 314 6.77 19.45 23.66
N SER A 315 5.71 18.66 23.78
CA SER A 315 5.45 17.99 25.08
C SER A 315 6.53 16.93 25.29
N PHE A 316 7.15 16.42 24.22
CA PHE A 316 8.16 15.33 24.34
C PHE A 316 9.55 15.91 24.67
N LEU A 317 9.95 17.04 24.05
CA LEU A 317 11.12 17.86 24.44
C LEU A 317 11.02 18.20 25.93
N ALA A 318 9.83 18.61 26.37
CA ALA A 318 9.55 18.91 27.80
C ALA A 318 9.75 17.65 28.68
N VAL A 319 9.29 16.47 28.23
CA VAL A 319 9.44 15.18 28.97
C VAL A 319 10.95 14.86 29.07
N CYS A 320 11.70 14.97 27.97
CA CYS A 320 13.16 14.62 27.91
C CYS A 320 13.93 15.63 28.77
N GLN A 321 13.41 16.86 28.87
CA GLN A 321 13.99 17.92 29.74
C GLN A 321 13.85 17.45 31.19
N GLN A 322 12.65 17.07 31.59
CA GLN A 322 12.37 16.72 33.01
C GLN A 322 13.17 15.46 33.33
N CYS A 323 13.43 14.61 32.32
CA CYS A 323 14.09 13.28 32.50
C CYS A 323 15.60 13.47 32.74
N LEU A 324 16.12 14.67 32.53
CA LEU A 324 17.53 14.95 32.90
C LEU A 324 17.67 14.99 34.42
N SER A 325 16.57 15.19 35.15
CA SER A 325 16.54 15.35 36.63
C SER A 325 16.15 14.05 37.31
N ASN A 326 15.71 13.02 36.57
CA ASN A 326 15.51 11.62 37.08
C ASN A 326 16.82 11.16 37.75
N VAL A 327 16.76 10.31 38.78
CA VAL A 327 17.96 9.85 39.53
C VAL A 327 18.79 8.87 38.67
N ASN A 328 18.19 8.13 37.74
CA ASN A 328 18.91 7.00 37.08
C ASN A 328 19.74 7.55 35.91
N THR A 329 21.03 7.28 35.88
CA THR A 329 21.87 7.93 34.86
C THR A 329 21.53 7.33 33.48
N PRO A 330 21.11 6.06 33.32
CA PRO A 330 20.71 5.57 31.99
C PRO A 330 19.58 6.40 31.36
N VAL A 331 18.62 6.82 32.18
CA VAL A 331 17.50 7.73 31.82
C VAL A 331 18.10 9.06 31.36
N LYS A 332 18.88 9.71 32.22
CA LYS A 332 19.51 11.02 31.91
C LYS A 332 20.27 10.98 30.59
N GLU A 333 20.97 9.87 30.33
CA GLU A 333 21.75 9.69 29.09
C GLU A 333 20.82 9.52 27.88
N GLN A 334 19.74 8.77 28.05
CA GLN A 334 18.76 8.55 26.95
C GLN A 334 18.11 9.90 26.61
N ALA A 335 17.51 10.52 27.63
CA ALA A 335 16.90 11.86 27.55
C ALA A 335 17.90 12.82 26.91
N PHE A 336 19.14 12.78 27.38
CA PHE A 336 20.16 13.70 26.83
C PHE A 336 20.27 13.39 25.33
N MET A 337 20.48 12.11 24.97
CA MET A 337 20.84 11.74 23.57
C MET A 337 19.69 12.16 22.65
N LEU A 338 18.46 12.03 23.13
CA LEU A 338 17.25 12.36 22.31
C LEU A 338 17.13 13.87 22.19
N LEU A 339 17.45 14.62 23.25
CA LEU A 339 17.41 16.11 23.26
C LEU A 339 18.33 16.60 22.13
N CYS A 340 19.56 16.06 22.06
CA CYS A 340 20.59 16.51 21.10
C CYS A 340 20.20 16.11 19.69
N ASP A 341 19.69 14.88 19.52
CA ASP A 341 19.02 14.42 18.28
C ASP A 341 17.94 15.45 17.89
N LEU A 342 16.90 15.61 18.73
CA LEU A 342 15.67 16.36 18.36
C LEU A 342 16.01 17.84 18.14
N LEU A 343 16.75 18.45 19.05
CA LEU A 343 17.09 19.89 18.91
C LEU A 343 17.88 20.11 17.61
N MET A 344 18.57 19.08 17.10
CA MET A 344 19.28 19.16 15.80
C MET A 344 18.27 19.04 14.65
N ILE A 345 17.34 18.09 14.76
CA ILE A 345 16.36 17.71 13.69
C ILE A 345 15.36 18.85 13.45
N PHE A 346 14.79 19.38 14.55
CA PHE A 346 13.78 20.45 14.58
C PHE A 346 14.49 21.80 14.82
N SER A 347 15.71 21.92 14.29
CA SER A 347 16.44 23.19 14.12
C SER A 347 15.90 23.89 12.88
N HIS A 348 16.59 24.92 12.40
CA HIS A 348 16.23 25.64 11.16
C HIS A 348 16.69 24.82 9.94
N GLN A 349 17.60 23.87 10.14
CA GLN A 349 18.04 22.99 9.02
C GLN A 349 16.78 22.45 8.34
N LEU A 350 15.76 22.11 9.13
CA LEU A 350 14.51 21.46 8.64
C LEU A 350 13.97 22.18 7.40
N MET A 351 14.16 23.49 7.31
CA MET A 351 13.58 24.34 6.24
C MET A 351 14.47 24.34 4.99
N THR A 352 15.58 23.60 4.99
CA THR A 352 16.44 23.43 3.77
C THR A 352 15.70 22.55 2.73
N GLY A 353 16.20 22.53 1.49
CA GLY A 353 15.57 21.82 0.37
C GLY A 353 14.17 22.34 0.09
N GLY A 354 14.03 23.67 -0.08
CA GLY A 354 12.77 24.37 -0.37
C GLY A 354 11.62 23.92 0.53
N ARG A 355 11.91 23.35 1.70
CA ARG A 355 10.90 22.78 2.64
C ARG A 355 10.54 23.82 3.71
N GLU A 356 10.33 25.08 3.33
CA GLU A 356 10.09 26.22 4.27
C GLU A 356 8.64 26.23 4.78
N GLY A 357 7.83 25.25 4.36
CA GLY A 357 6.48 25.00 4.91
C GLY A 357 6.57 24.58 6.36
N LEU A 358 7.72 24.00 6.75
CA LEU A 358 7.90 23.32 8.05
C LEU A 358 8.27 24.31 9.17
N GLN A 359 8.39 25.62 8.89
CA GLN A 359 8.75 26.63 9.90
C GLN A 359 8.05 26.34 11.23
N PRO A 360 6.74 25.98 11.24
CA PRO A 360 6.01 25.80 12.51
C PRO A 360 6.59 24.70 13.40
N LEU A 361 7.36 23.79 12.80
CA LEU A 361 7.99 22.63 13.49
C LEU A 361 9.39 22.98 14.02
N VAL A 362 9.90 24.19 13.81
CA VAL A 362 11.27 24.57 14.30
C VAL A 362 11.17 24.82 15.82
N PHE A 363 12.24 24.51 16.56
CA PHE A 363 12.31 24.66 18.04
C PHE A 363 13.69 25.17 18.46
N ASN A 364 13.73 26.40 18.96
CA ASN A 364 14.93 26.92 19.64
C ASN A 364 14.77 26.61 21.11
N PRO A 365 15.77 25.93 21.70
CA PRO A 365 15.74 25.59 23.11
C PRO A 365 15.87 26.87 23.95
N ASP A 366 15.13 26.96 25.06
CA ASP A 366 15.22 28.14 25.94
C ASP A 366 16.57 28.09 26.66
N THR A 367 16.86 29.08 27.53
CA THR A 367 18.11 29.18 28.32
C THR A 367 18.16 28.05 29.36
N GLY A 368 17.02 27.82 30.03
CA GLY A 368 16.87 26.77 31.05
C GLY A 368 17.38 25.44 30.53
N LEU A 369 16.93 25.08 29.32
CA LEU A 369 17.26 23.80 28.62
C LEU A 369 18.74 23.80 28.24
N GLN A 370 19.23 24.89 27.62
CA GLN A 370 20.67 25.03 27.28
C GLN A 370 21.54 24.82 28.54
N SER A 371 21.15 25.40 29.68
CA SER A 371 21.91 25.29 30.94
C SER A 371 21.93 23.84 31.40
N GLU A 372 20.79 23.16 31.32
CA GLU A 372 20.68 21.74 31.74
C GLU A 372 21.47 20.84 30.76
N LEU A 373 21.44 21.16 29.46
CA LEU A 373 22.26 20.45 28.45
C LEU A 373 23.73 20.81 28.66
N LEU A 374 24.03 21.91 29.37
CA LEU A 374 25.43 22.22 29.81
C LEU A 374 25.77 21.35 31.02
N SER A 375 24.90 21.30 32.05
CA SER A 375 25.14 20.57 33.33
C SER A 375 25.48 19.09 33.04
N PHE A 376 24.60 18.37 32.35
CA PHE A 376 24.75 16.92 32.06
C PHE A 376 26.16 16.67 31.51
N VAL A 377 26.64 17.52 30.60
CA VAL A 377 28.02 17.39 30.05
C VAL A 377 29.01 17.40 31.22
N MET A 378 28.90 18.40 32.11
CA MET A 378 29.81 18.60 33.27
C MET A 378 29.78 17.38 34.19
N ASP A 379 28.57 16.81 34.35
CA ASP A 379 28.23 15.78 35.36
C ASP A 379 28.45 14.36 34.80
N HIS A 380 28.32 14.14 33.48
CA HIS A 380 28.20 12.77 32.90
C HIS A 380 29.19 12.53 31.75
N VAL A 381 29.71 13.56 31.09
CA VAL A 381 30.80 13.41 30.07
C VAL A 381 32.15 13.51 30.81
N PHE A 382 32.32 14.55 31.63
CA PHE A 382 33.55 14.88 32.40
C PHE A 382 33.40 14.42 33.84
N ILE A 383 33.86 13.20 34.11
CA ILE A 383 33.75 12.49 35.42
C ILE A 383 35.13 12.04 35.91
N ASP A 384 35.36 12.12 37.23
CA ASP A 384 36.67 11.83 37.89
C ASP A 384 36.98 10.34 37.72
N GLN A 385 36.06 9.50 38.21
CA GLN A 385 35.99 8.04 38.00
C GLN A 385 34.60 7.59 38.50
N GLU A 399 37.19 -4.45 33.15
CA GLU A 399 37.90 -3.68 32.09
C GLU A 399 36.92 -3.34 30.96
N ALA A 400 36.48 -4.35 30.20
CA ALA A 400 35.77 -4.23 28.90
C ALA A 400 34.71 -3.13 28.97
N ASN A 401 33.99 -3.04 30.08
CA ASN A 401 32.87 -2.10 30.33
C ASN A 401 33.33 -0.63 30.25
N LYS A 402 34.58 -0.33 30.64
CA LYS A 402 35.08 1.08 30.74
C LYS A 402 35.43 1.59 29.34
N ILE A 403 36.00 0.79 28.43
CA ILE A 403 36.25 1.30 27.04
C ILE A 403 34.90 1.45 26.29
N GLU A 404 33.85 0.77 26.76
CA GLU A 404 32.49 0.88 26.18
C GLU A 404 31.81 2.15 26.73
N ALA A 405 31.89 2.36 28.05
CA ALA A 405 31.38 3.59 28.72
C ALA A 405 32.09 4.85 28.19
N LEU A 406 33.35 4.75 27.70
CA LEU A 406 34.11 5.92 27.16
C LEU A 406 33.56 6.31 25.78
N HIS A 407 33.45 5.37 24.86
CA HIS A 407 32.93 5.63 23.49
C HIS A 407 31.52 6.21 23.58
N LYS A 408 30.75 5.84 24.61
CA LYS A 408 29.36 6.35 24.85
C LYS A 408 29.42 7.83 25.24
N ARG A 409 30.26 8.18 26.22
CA ARG A 409 30.48 9.58 26.65
C ARG A 409 31.04 10.40 25.49
N ARG A 410 31.81 9.74 24.59
CA ARG A 410 32.27 10.39 23.33
C ARG A 410 31.03 10.72 22.50
N ASN A 411 30.14 9.75 22.29
CA ASN A 411 28.92 9.96 21.46
C ASN A 411 28.09 11.08 22.08
N LEU A 412 27.90 11.02 23.41
CA LEU A 412 27.14 12.06 24.17
C LEU A 412 27.82 13.43 23.96
N LEU A 413 29.14 13.51 23.94
CA LEU A 413 29.81 14.82 23.72
C LEU A 413 29.62 15.24 22.26
N ALA A 414 29.88 14.33 21.32
CA ALA A 414 29.80 14.62 19.86
C ALA A 414 28.38 15.07 19.54
N ALA A 415 27.39 14.32 20.01
CA ALA A 415 25.97 14.66 19.85
C ALA A 415 25.76 16.10 20.32
N PHE A 416 26.32 16.46 21.49
CA PHE A 416 26.21 17.82 22.10
C PHE A 416 27.08 18.80 21.31
N SER A 417 28.24 18.35 20.83
CA SER A 417 29.18 19.16 20.02
C SER A 417 28.44 19.82 18.85
N LYS A 418 27.55 19.07 18.17
CA LYS A 418 26.80 19.56 16.98
C LYS A 418 25.91 20.76 17.37
N LEU A 419 25.29 20.75 18.54
CA LEU A 419 24.40 21.86 18.98
C LEU A 419 25.21 23.12 19.27
N ILE A 420 26.50 22.96 19.57
CA ILE A 420 27.44 24.09 19.83
C ILE A 420 27.76 24.74 18.49
N ILE A 421 28.18 23.94 17.50
CA ILE A 421 28.68 24.43 16.18
C ILE A 421 27.62 25.33 15.53
N TYR A 422 26.35 25.02 15.69
CA TYR A 422 25.24 25.73 15.01
C TYR A 422 24.51 26.68 15.96
N ASP A 423 25.05 26.88 17.15
CA ASP A 423 24.59 27.94 18.09
C ASP A 423 23.14 27.64 18.52
N ILE A 424 22.82 26.36 18.70
CA ILE A 424 21.49 25.95 19.23
C ILE A 424 21.57 26.00 20.76
N VAL A 425 22.77 25.84 21.34
CA VAL A 425 23.09 26.23 22.76
C VAL A 425 24.02 27.46 22.76
N ASP A 426 24.31 28.03 23.93
CA ASP A 426 25.30 29.13 24.07
C ASP A 426 26.67 28.57 23.70
N MET A 427 27.22 28.94 22.54
CA MET A 427 28.49 28.35 22.04
C MET A 427 29.68 28.86 22.90
N HIS A 428 29.54 29.98 23.62
CA HIS A 428 30.57 30.56 24.53
C HIS A 428 30.58 29.83 25.89
N ALA A 429 29.45 29.76 26.61
CA ALA A 429 29.31 29.03 27.89
C ALA A 429 29.87 27.60 27.77
N ALA A 430 29.84 27.03 26.56
CA ALA A 430 30.24 25.63 26.29
C ALA A 430 31.76 25.56 26.20
N ALA A 431 32.37 26.46 25.42
CA ALA A 431 33.83 26.58 25.26
C ALA A 431 34.51 26.85 26.61
N ASP A 432 33.88 27.65 27.49
CA ASP A 432 34.37 27.93 28.86
C ASP A 432 34.53 26.59 29.60
N ILE A 433 33.50 25.74 29.56
CA ILE A 433 33.53 24.39 30.19
C ILE A 433 34.69 23.59 29.59
N PHE A 434 34.95 23.75 28.29
CA PHE A 434 36.04 23.01 27.57
C PHE A 434 37.40 23.56 28.00
N LYS A 435 37.52 24.88 28.21
CA LYS A 435 38.72 25.48 28.83
C LYS A 435 38.91 24.79 30.19
N HIS A 436 37.90 24.88 31.07
CA HIS A 436 37.99 24.47 32.50
C HIS A 436 38.49 23.04 32.58
N TYR A 437 38.03 22.14 31.70
CA TYR A 437 38.34 20.70 31.77
C TYR A 437 39.63 20.42 30.98
N MET A 438 40.08 21.32 30.10
CA MET A 438 41.34 21.14 29.31
C MET A 438 42.50 21.83 30.05
N LYS A 439 42.19 22.65 31.07
CA LYS A 439 43.15 23.51 31.82
C LYS A 439 44.52 22.81 31.93
N TYR A 440 44.59 21.62 32.53
CA TYR A 440 45.85 20.89 32.82
C TYR A 440 46.62 20.55 31.53
N TYR A 441 45.98 20.60 30.37
CA TYR A 441 46.67 20.41 29.07
C TYR A 441 47.25 21.75 28.55
N ASN A 442 46.56 22.86 28.82
CA ASN A 442 46.98 24.22 28.38
C ASN A 442 47.97 24.84 29.38
N ASP A 443 48.11 24.26 30.58
CA ASP A 443 48.96 24.80 31.67
C ASP A 443 50.26 24.00 31.80
N TYR A 444 50.29 22.72 31.42
CA TYR A 444 51.43 21.82 31.74
C TYR A 444 51.74 20.85 30.58
N GLY A 445 51.00 20.94 29.47
CA GLY A 445 51.03 19.93 28.38
C GLY A 445 52.39 19.88 27.71
N ASP A 446 52.93 21.06 27.37
CA ASP A 446 54.26 21.20 26.69
C ASP A 446 55.28 20.43 27.52
N ILE A 447 55.28 20.66 28.84
CA ILE A 447 56.27 20.07 29.82
C ILE A 447 56.04 18.55 29.89
N ILE A 448 54.77 18.10 29.96
CA ILE A 448 54.41 16.66 29.96
C ILE A 448 54.83 16.03 28.62
N LYS A 449 54.69 16.76 27.50
CA LYS A 449 54.97 16.19 26.16
C LYS A 449 56.46 15.86 26.05
N GLU A 450 57.32 16.88 26.19
CA GLU A 450 58.79 16.78 25.97
C GLU A 450 59.37 15.72 26.92
N THR A 451 58.83 15.61 28.14
CA THR A 451 59.31 14.66 29.19
C THR A 451 59.09 13.21 28.74
N LEU A 452 57.88 12.91 28.23
CA LEU A 452 57.44 11.56 27.80
C LEU A 452 58.14 11.21 26.48
N SER A 453 58.44 12.21 25.64
CA SER A 453 59.27 12.05 24.42
C SER A 453 60.55 11.27 24.77
N LYS A 454 61.28 11.68 25.82
CA LYS A 454 62.59 11.08 26.21
C LYS A 454 62.43 10.00 27.29
N THR A 455 61.56 9.01 27.10
CA THR A 455 61.48 7.78 27.95
C THR A 455 60.83 6.62 27.18
N PRO B 4 5.25 30.08 -10.05
CA PRO B 4 5.72 31.10 -11.03
C PRO B 4 4.63 31.54 -12.02
N ASN B 5 3.75 30.60 -12.38
CA ASN B 5 2.58 30.77 -13.29
C ASN B 5 1.29 30.77 -12.48
N GLY B 6 1.39 30.74 -11.15
CA GLY B 6 0.25 30.50 -10.26
C GLY B 6 -0.87 31.49 -10.55
N ASN B 7 -0.48 32.73 -10.87
CA ASN B 7 -1.43 33.82 -11.18
C ASN B 7 -2.11 33.54 -12.54
N LEU B 8 -1.33 33.13 -13.55
CA LEU B 8 -1.83 32.89 -14.94
C LEU B 8 -2.86 31.77 -14.93
N ILE B 9 -2.60 30.68 -14.19
CA ILE B 9 -3.56 29.53 -14.07
C ILE B 9 -4.82 30.03 -13.36
N ARG B 10 -4.69 30.69 -12.20
CA ARG B 10 -5.91 31.12 -11.46
C ARG B 10 -6.75 31.97 -12.42
N MET B 11 -6.13 32.75 -13.30
CA MET B 11 -6.92 33.62 -14.20
C MET B 11 -7.50 32.81 -15.37
N LEU B 12 -6.73 31.88 -15.93
CA LEU B 12 -7.28 30.90 -16.90
C LEU B 12 -8.59 30.37 -16.31
N VAL B 13 -8.59 30.06 -15.01
CA VAL B 13 -9.76 29.40 -14.38
C VAL B 13 -10.95 30.36 -14.42
N LEU B 14 -10.74 31.64 -14.12
CA LEU B 14 -11.80 32.68 -14.07
C LEU B 14 -12.29 32.94 -15.49
N PHE B 15 -11.37 33.24 -16.38
CA PHE B 15 -11.67 33.38 -17.83
C PHE B 15 -12.65 32.27 -18.21
N PHE B 16 -12.39 31.05 -17.75
CA PHE B 16 -13.09 29.81 -18.20
C PHE B 16 -14.54 29.79 -17.70
N LEU B 17 -14.80 30.00 -16.41
CA LEU B 17 -16.20 29.72 -15.95
C LEU B 17 -17.07 30.98 -15.84
N GLU B 18 -16.52 32.20 -15.84
CA GLU B 18 -17.35 33.42 -15.99
C GLU B 18 -17.60 33.74 -17.46
N SER B 19 -16.98 33.03 -18.41
CA SER B 19 -17.43 32.97 -19.84
C SER B 19 -18.83 32.35 -19.89
N GLU B 20 -19.22 31.60 -18.85
CA GLU B 20 -20.52 30.88 -18.74
C GLU B 20 -20.68 29.98 -19.98
N LEU B 21 -19.60 29.32 -20.42
CA LEU B 21 -19.58 28.25 -21.47
C LEU B 21 -18.91 27.01 -20.85
N HIS B 22 -19.53 26.44 -19.80
CA HIS B 22 -18.99 25.34 -18.95
C HIS B 22 -18.87 24.03 -19.75
N GLU B 23 -19.54 23.95 -20.90
CA GLU B 23 -19.48 22.79 -21.82
C GLU B 23 -18.22 22.87 -22.70
N HIS B 24 -17.37 23.90 -22.52
CA HIS B 24 -16.32 24.27 -23.50
C HIS B 24 -14.90 24.05 -22.95
N ALA B 25 -14.74 23.33 -21.83
CA ALA B 25 -13.41 23.19 -21.18
C ALA B 25 -12.39 22.67 -22.20
N ALA B 26 -12.70 21.59 -22.91
CA ALA B 26 -11.81 21.01 -23.93
C ALA B 26 -11.57 22.02 -25.08
N TYR B 27 -12.58 22.82 -25.42
CA TYR B 27 -12.53 23.74 -26.58
C TYR B 27 -11.53 24.87 -26.28
N LEU B 28 -11.66 25.45 -25.08
CA LEU B 28 -10.77 26.51 -24.54
C LEU B 28 -9.32 26.03 -24.58
N VAL B 29 -9.03 24.84 -24.04
CA VAL B 29 -7.64 24.30 -24.06
C VAL B 29 -7.15 24.17 -25.50
N ASP B 30 -7.95 23.65 -26.41
CA ASP B 30 -7.48 23.42 -27.81
C ASP B 30 -7.32 24.77 -28.52
N SER B 31 -8.31 25.65 -28.43
CA SER B 31 -8.24 26.98 -29.06
C SER B 31 -7.02 27.74 -28.54
N LEU B 32 -6.51 27.41 -27.32
CA LEU B 32 -5.37 28.08 -26.63
C LEU B 32 -4.06 27.31 -26.82
N TRP B 33 -4.11 26.09 -27.35
CA TRP B 33 -2.98 25.13 -27.26
C TRP B 33 -1.77 25.62 -28.07
N GLU B 34 -2.01 26.14 -29.29
CA GLU B 34 -0.94 26.66 -30.18
C GLU B 34 -0.06 27.63 -29.38
N SER B 35 -0.66 28.71 -28.86
CA SER B 35 0.03 29.80 -28.14
C SER B 35 0.55 29.35 -26.78
N SER B 36 -0.27 28.71 -25.95
CA SER B 36 0.00 28.63 -24.49
C SER B 36 0.21 27.18 -24.00
N GLN B 37 0.80 26.30 -24.81
CA GLN B 37 1.00 24.92 -24.31
C GLN B 37 2.16 24.90 -23.30
N GLU B 38 3.14 25.78 -23.41
CA GLU B 38 4.16 25.95 -22.34
C GLU B 38 3.42 25.94 -20.97
N LEU B 39 2.36 26.73 -20.83
CA LEU B 39 1.68 27.07 -19.55
C LEU B 39 0.67 25.99 -19.20
N LEU B 40 -0.03 25.51 -20.23
CA LEU B 40 -1.12 24.52 -20.09
C LEU B 40 -0.54 23.15 -19.72
N LYS B 41 0.75 22.90 -19.97
CA LYS B 41 1.41 21.67 -19.45
C LYS B 41 2.10 21.90 -18.09
N ASP B 42 2.02 23.07 -17.45
CA ASP B 42 2.66 23.29 -16.12
C ASP B 42 1.81 22.57 -15.07
N TRP B 43 1.82 21.22 -15.09
CA TRP B 43 0.93 20.35 -14.27
C TRP B 43 1.35 20.45 -12.80
N GLU B 44 2.65 20.64 -12.54
CA GLU B 44 3.24 20.90 -11.20
C GLU B 44 2.59 22.16 -10.60
N CYS B 45 2.49 23.25 -11.37
CA CYS B 45 1.83 24.47 -10.86
C CYS B 45 0.39 24.13 -10.45
N MET B 46 -0.32 23.36 -11.29
CA MET B 46 -1.78 23.11 -11.10
C MET B 46 -2.01 22.19 -9.89
N THR B 47 -1.18 21.15 -9.72
CA THR B 47 -1.32 20.22 -8.58
C THR B 47 -1.04 21.03 -7.32
N GLU B 48 0.03 21.84 -7.38
CA GLU B 48 0.37 22.84 -6.34
C GLU B 48 -0.88 23.67 -6.03
N LEU B 49 -1.47 24.36 -7.01
CA LEU B 49 -2.65 25.22 -6.74
C LEU B 49 -3.73 24.43 -6.00
N LEU B 50 -3.96 23.15 -6.35
CA LEU B 50 -5.10 22.34 -5.82
C LEU B 50 -4.78 21.77 -4.43
N LEU B 51 -3.52 21.44 -4.14
CA LEU B 51 -3.13 20.68 -2.94
C LEU B 51 -2.77 21.58 -1.74
N GLU B 52 -2.66 22.92 -1.89
CA GLU B 52 -1.94 23.76 -0.89
C GLU B 52 -2.67 25.07 -0.58
N GLU B 53 -2.11 25.84 0.37
CA GLU B 53 -2.42 27.28 0.66
C GLU B 53 -1.10 28.01 0.88
N ALA B 60 -7.22 31.59 -1.68
CA ALA B 60 -8.46 30.91 -1.22
C ALA B 60 -9.36 30.61 -2.42
N MET B 61 -9.20 29.44 -3.07
CA MET B 61 -9.98 29.05 -4.28
C MET B 61 -11.43 28.68 -3.89
N SER B 62 -12.43 29.14 -4.63
CA SER B 62 -13.85 28.74 -4.36
C SER B 62 -14.00 27.25 -4.67
N ASP B 63 -15.14 26.67 -4.30
CA ASP B 63 -15.39 25.22 -4.56
C ASP B 63 -15.47 25.07 -6.08
N ARG B 64 -16.43 25.74 -6.71
CA ARG B 64 -16.67 25.70 -8.18
C ARG B 64 -15.34 25.86 -8.93
N GLN B 65 -14.36 26.59 -8.38
CA GLN B 65 -13.07 26.92 -9.05
C GLN B 65 -12.14 25.71 -9.00
N GLU B 66 -12.13 24.99 -7.89
CA GLU B 66 -11.29 23.77 -7.75
C GLU B 66 -11.79 22.77 -8.80
N SER B 67 -13.10 22.53 -8.87
CA SER B 67 -13.78 21.76 -9.96
C SER B 67 -13.23 22.17 -11.32
N ALA B 68 -13.37 23.45 -11.64
CA ALA B 68 -12.94 24.05 -12.93
C ALA B 68 -11.44 23.78 -13.16
N LEU B 69 -10.58 24.01 -12.17
CA LEU B 69 -9.11 23.81 -12.37
C LEU B 69 -8.87 22.32 -12.63
N ILE B 70 -9.60 21.42 -11.96
CA ILE B 70 -9.49 19.96 -12.22
C ILE B 70 -9.93 19.64 -13.66
N GLU B 71 -11.03 20.20 -14.14
CA GLU B 71 -11.51 19.84 -15.50
C GLU B 71 -10.50 20.34 -16.53
N LEU B 72 -9.95 21.54 -16.35
CA LEU B 72 -8.96 22.11 -17.30
C LEU B 72 -7.66 21.31 -17.22
N MET B 73 -7.23 20.90 -16.03
CA MET B 73 -6.03 20.04 -15.84
C MET B 73 -6.21 18.74 -16.63
N VAL B 74 -7.35 18.05 -16.46
CA VAL B 74 -7.57 16.78 -17.19
C VAL B 74 -7.60 17.07 -18.70
N CYS B 75 -8.29 18.11 -19.16
CA CYS B 75 -8.36 18.46 -20.61
C CYS B 75 -6.94 18.65 -21.16
N THR B 76 -6.03 19.23 -20.38
CA THR B 76 -4.64 19.50 -20.82
C THR B 76 -3.94 18.17 -21.05
N ILE B 77 -4.02 17.31 -20.03
CA ILE B 77 -3.41 15.95 -20.02
C ILE B 77 -3.79 15.21 -21.31
N ARG B 78 -5.09 15.13 -21.65
CA ARG B 78 -5.56 14.62 -22.96
C ARG B 78 -4.75 15.29 -24.09
N GLN B 79 -5.03 16.56 -24.37
CA GLN B 79 -4.47 17.31 -25.54
C GLN B 79 -2.98 16.97 -25.63
N ALA B 80 -2.31 16.85 -24.49
CA ALA B 80 -0.86 16.59 -24.42
C ALA B 80 -0.60 15.16 -24.88
N ALA B 81 -1.33 14.21 -24.29
CA ALA B 81 -1.15 12.76 -24.52
C ALA B 81 -1.50 12.40 -25.98
N GLU B 82 -2.72 12.71 -26.42
CA GLU B 82 -3.27 12.35 -27.77
C GLU B 82 -2.73 13.29 -28.87
N ALA B 83 -2.30 14.50 -28.51
CA ALA B 83 -1.62 15.48 -29.40
C ALA B 83 -2.47 15.76 -30.62
N HIS B 84 -3.78 15.85 -30.46
CA HIS B 84 -4.75 16.24 -31.53
C HIS B 84 -5.92 16.94 -30.86
N PRO B 85 -6.61 17.85 -31.58
CA PRO B 85 -7.87 18.44 -31.12
C PRO B 85 -8.91 17.47 -30.53
N PRO B 86 -9.81 17.95 -29.65
CA PRO B 86 -10.75 17.07 -28.93
C PRO B 86 -11.86 16.62 -29.89
N VAL B 87 -12.68 15.66 -29.46
CA VAL B 87 -13.81 15.14 -30.28
C VAL B 87 -14.63 16.34 -30.78
N GLY B 88 -14.63 16.55 -32.11
CA GLY B 88 -15.39 17.58 -32.83
C GLY B 88 -14.58 18.83 -33.12
N ARG B 89 -13.36 18.72 -33.67
CA ARG B 89 -12.54 19.93 -34.01
C ARG B 89 -11.49 19.69 -35.13
N GLY B 90 -11.38 18.50 -35.74
CA GLY B 90 -10.32 18.25 -36.74
C GLY B 90 -10.91 18.04 -38.13
N VAL B 95 -1.43 15.40 -39.06
CA VAL B 95 -0.14 14.78 -39.51
C VAL B 95 1.04 15.49 -38.81
N LEU B 96 1.72 14.80 -37.87
CA LEU B 96 2.73 15.33 -36.90
C LEU B 96 4.13 15.50 -37.54
N THR B 97 4.99 16.30 -36.92
CA THR B 97 6.27 16.78 -37.50
C THR B 97 7.45 15.85 -37.19
N ALA B 98 7.34 14.95 -36.20
CA ALA B 98 8.47 14.18 -35.60
C ALA B 98 9.24 15.08 -34.64
N LYS B 99 9.11 16.40 -34.81
CA LYS B 99 9.34 17.42 -33.76
C LYS B 99 8.14 17.39 -32.80
N GLU B 100 6.92 17.32 -33.34
CA GLU B 100 5.68 17.26 -32.53
C GLU B 100 5.54 15.85 -31.93
N ARG B 101 5.85 14.81 -32.72
CA ARG B 101 5.86 13.39 -32.27
C ARG B 101 6.88 13.28 -31.13
N LYS B 102 7.98 14.02 -31.18
CA LYS B 102 8.99 14.09 -30.08
C LYS B 102 8.33 14.67 -28.82
N THR B 103 7.65 15.83 -28.87
CA THR B 103 7.14 16.52 -27.64
C THR B 103 6.00 15.67 -27.02
N GLN B 104 5.12 15.08 -27.84
CA GLN B 104 4.05 14.11 -27.42
C GLN B 104 4.64 13.01 -26.55
N ILE B 105 5.80 12.47 -26.94
CA ILE B 105 6.51 11.40 -26.17
C ILE B 105 7.01 11.99 -24.84
N ASP B 106 7.58 13.19 -24.88
CA ASP B 106 8.14 13.89 -23.68
C ASP B 106 7.02 14.22 -22.71
N ASP B 107 5.90 14.74 -23.23
CA ASP B 107 4.70 15.13 -22.43
C ASP B 107 4.19 13.89 -21.69
N ARG B 108 3.82 12.85 -22.43
CA ARG B 108 3.33 11.57 -21.86
C ARG B 108 4.22 11.23 -20.66
N ASN B 109 5.54 11.16 -20.87
CA ASN B 109 6.51 10.79 -19.81
C ASN B 109 6.31 11.75 -18.63
N LYS B 110 6.33 13.06 -18.92
CA LYS B 110 6.26 14.11 -17.89
C LYS B 110 4.98 13.93 -17.08
N LEU B 111 3.83 13.84 -17.77
CA LEU B 111 2.49 13.80 -17.11
C LEU B 111 2.38 12.51 -16.31
N THR B 112 2.81 11.38 -16.88
CA THR B 112 2.80 10.07 -16.18
C THR B 112 3.64 10.16 -14.91
N GLU B 113 4.82 10.77 -14.98
CA GLU B 113 5.73 10.84 -13.82
C GLU B 113 4.99 11.65 -12.77
N HIS B 114 4.51 12.84 -13.16
CA HIS B 114 4.00 13.82 -12.17
C HIS B 114 2.75 13.26 -11.46
N PHE B 115 1.82 12.67 -12.22
CA PHE B 115 0.45 12.33 -11.74
C PHE B 115 0.46 10.97 -11.03
N ILE B 116 1.37 10.08 -11.42
CA ILE B 116 1.61 8.83 -10.62
C ILE B 116 1.82 9.23 -9.15
N ILE B 117 2.57 10.30 -8.92
CA ILE B 117 2.89 10.78 -7.54
C ILE B 117 1.69 11.53 -6.96
N THR B 118 1.10 12.45 -7.72
CA THR B 118 0.21 13.53 -7.17
C THR B 118 -1.27 13.12 -7.22
N LEU B 119 -1.66 12.20 -8.12
CA LEU B 119 -3.07 11.78 -8.28
C LEU B 119 -3.53 11.08 -7.01
N PRO B 120 -2.78 10.13 -6.43
CA PRO B 120 -3.19 9.60 -5.12
C PRO B 120 -3.50 10.73 -4.11
N MET B 121 -2.73 11.82 -4.15
CA MET B 121 -2.85 12.94 -3.18
C MET B 121 -4.13 13.73 -3.48
N LEU B 122 -4.36 14.02 -4.78
CA LEU B 122 -5.56 14.74 -5.26
C LEU B 122 -6.82 13.99 -4.87
N LEU B 123 -6.84 12.67 -5.11
CA LEU B 123 -7.98 11.78 -4.77
C LEU B 123 -8.14 11.90 -3.27
N SER B 124 -7.02 11.84 -2.54
CA SER B 124 -7.01 11.86 -1.06
C SER B 124 -7.67 13.17 -0.57
N LYS B 125 -7.40 14.32 -1.20
CA LYS B 125 -7.93 15.64 -0.72
C LYS B 125 -9.44 15.73 -1.02
N TYR B 126 -9.85 15.43 -2.26
CA TYR B 126 -11.21 15.68 -2.79
C TYR B 126 -12.10 14.42 -2.69
N SER B 127 -11.73 13.45 -1.84
CA SER B 127 -12.32 12.08 -1.81
C SER B 127 -13.82 12.08 -1.47
N ALA B 128 -14.41 13.15 -0.96
CA ALA B 128 -15.87 13.22 -0.72
C ALA B 128 -16.64 13.88 -1.87
N ASP B 129 -15.96 14.47 -2.85
CA ASP B 129 -16.62 15.19 -3.98
C ASP B 129 -16.88 14.19 -5.10
N ALA B 130 -18.14 13.87 -5.36
CA ALA B 130 -18.53 12.87 -6.40
C ALA B 130 -17.81 13.26 -7.70
N GLU B 131 -18.13 14.45 -8.21
CA GLU B 131 -17.82 14.82 -9.60
C GLU B 131 -16.32 15.14 -9.73
N LYS B 132 -15.64 15.56 -8.67
CA LYS B 132 -14.19 15.91 -8.77
C LYS B 132 -13.36 14.63 -8.84
N VAL B 133 -13.76 13.62 -8.08
CA VAL B 133 -13.12 12.27 -8.09
C VAL B 133 -13.32 11.71 -9.49
N ALA B 134 -14.57 11.61 -9.94
CA ALA B 134 -14.93 11.16 -11.30
C ALA B 134 -13.90 11.74 -12.28
N ASN B 135 -13.72 13.05 -12.21
CA ASN B 135 -12.92 13.86 -13.16
C ASN B 135 -11.44 13.48 -13.02
N LEU B 136 -10.96 13.37 -11.79
CA LEU B 136 -9.57 12.96 -11.48
C LEU B 136 -9.26 11.58 -12.10
N LEU B 137 -10.19 10.62 -12.03
CA LEU B 137 -9.99 9.21 -12.46
C LEU B 137 -10.03 9.05 -13.98
N GLN B 138 -10.27 10.13 -14.74
CA GLN B 138 -10.08 10.12 -16.20
C GLN B 138 -8.58 10.26 -16.51
N ILE B 139 -7.73 10.38 -15.49
CA ILE B 139 -6.28 10.69 -15.68
C ILE B 139 -5.50 9.42 -16.03
N PRO B 140 -5.55 8.33 -15.19
CA PRO B 140 -4.69 7.15 -15.38
C PRO B 140 -4.74 6.55 -16.79
N GLN B 141 -5.85 6.71 -17.50
CA GLN B 141 -6.00 6.26 -18.91
C GLN B 141 -4.99 6.94 -19.85
N TYR B 142 -4.23 7.93 -19.40
CA TYR B 142 -3.31 8.60 -20.35
C TYR B 142 -1.87 8.22 -20.03
N PHE B 143 -1.67 7.66 -18.85
CA PHE B 143 -0.32 7.25 -18.39
C PHE B 143 0.29 6.21 -19.30
N ASP B 144 1.59 6.30 -19.53
CA ASP B 144 2.33 5.19 -20.17
C ASP B 144 2.59 4.30 -18.96
N LEU B 145 1.91 3.16 -18.86
CA LEU B 145 1.96 2.34 -17.62
C LEU B 145 3.33 1.75 -17.28
N GLU B 146 4.26 1.64 -18.25
CA GLU B 146 5.61 1.11 -17.96
C GLU B 146 6.20 1.87 -16.77
N ILE B 147 6.21 3.19 -16.87
CA ILE B 147 6.77 4.14 -15.86
C ILE B 147 6.45 3.68 -14.44
N TYR B 148 5.48 2.80 -14.26
CA TYR B 148 5.22 2.28 -12.89
C TYR B 148 6.42 1.39 -12.57
N SER B 149 6.84 0.58 -13.57
CA SER B 149 7.90 -0.46 -13.53
C SER B 149 9.27 0.19 -13.81
N THR B 150 9.42 0.72 -15.03
CA THR B 150 10.68 1.26 -15.61
C THR B 150 11.18 2.50 -14.84
N GLY B 151 10.46 2.90 -13.77
CA GLY B 151 10.82 4.03 -12.87
C GLY B 151 10.68 3.71 -11.39
N ARG B 152 10.45 2.44 -11.03
CA ARG B 152 10.22 1.97 -9.63
C ARG B 152 9.40 3.00 -8.86
N MET B 153 8.10 3.09 -9.19
CA MET B 153 7.10 3.99 -8.54
C MET B 153 5.91 3.12 -8.08
N GLU B 154 6.17 1.87 -7.75
CA GLU B 154 5.14 0.95 -7.19
C GLU B 154 4.65 1.52 -5.86
N LYS B 155 5.48 2.27 -5.14
CA LYS B 155 5.11 3.01 -3.90
C LYS B 155 3.80 3.76 -4.15
N HIS B 156 3.65 4.36 -5.34
CA HIS B 156 2.56 5.33 -5.67
C HIS B 156 1.36 4.58 -6.27
N LEU B 157 1.59 3.56 -7.12
CA LEU B 157 0.55 2.58 -7.50
C LEU B 157 -0.15 1.99 -6.24
N ASP B 158 0.57 1.70 -5.17
CA ASP B 158 -0.05 1.11 -3.96
C ASP B 158 -0.92 2.21 -3.31
N ALA B 159 -0.50 3.46 -3.43
CA ALA B 159 -1.19 4.63 -2.82
C ALA B 159 -2.42 4.98 -3.64
N LEU B 160 -2.35 4.75 -4.95
CA LEU B 160 -3.52 4.92 -5.87
C LEU B 160 -4.61 3.93 -5.46
N LEU B 161 -4.29 2.64 -5.50
CA LEU B 161 -5.21 1.54 -5.15
C LEU B 161 -5.75 1.77 -3.73
N LYS B 162 -4.87 2.13 -2.81
CA LYS B 162 -5.36 2.48 -1.44
C LYS B 162 -6.53 3.48 -1.57
N GLN B 163 -6.44 4.44 -2.51
CA GLN B 163 -7.30 5.66 -2.51
C GLN B 163 -8.60 5.38 -3.26
N ILE B 164 -8.47 4.69 -4.40
CA ILE B 164 -9.61 4.13 -5.20
C ILE B 164 -10.52 3.33 -4.27
N LYS B 165 -9.95 2.44 -3.45
CA LYS B 165 -10.62 1.76 -2.31
C LYS B 165 -11.40 2.78 -1.47
N PHE B 166 -10.73 3.78 -0.87
CA PHE B 166 -11.36 4.72 0.10
C PHE B 166 -12.51 5.48 -0.57
N VAL B 167 -12.41 5.74 -1.88
CA VAL B 167 -13.43 6.49 -2.66
C VAL B 167 -14.67 5.62 -2.82
N VAL B 168 -14.48 4.41 -3.35
CA VAL B 168 -15.60 3.53 -3.80
C VAL B 168 -16.46 3.08 -2.61
N GLU B 169 -15.85 2.73 -1.47
CA GLU B 169 -16.56 2.33 -0.22
C GLU B 169 -17.55 3.41 0.21
N LYS B 170 -17.18 4.68 0.00
CA LYS B 170 -17.89 5.86 0.55
C LYS B 170 -19.02 6.26 -0.39
N HIS B 171 -18.80 6.14 -1.69
CA HIS B 171 -19.67 6.80 -2.70
C HIS B 171 -20.75 5.83 -3.18
N VAL B 172 -21.79 6.38 -3.80
CA VAL B 172 -22.91 5.61 -4.41
C VAL B 172 -23.21 6.15 -5.82
N GLU B 173 -22.71 7.35 -6.17
CA GLU B 173 -23.04 8.01 -7.47
C GLU B 173 -22.39 7.18 -8.58
N SER B 174 -23.17 6.82 -9.60
CA SER B 174 -22.77 5.88 -10.68
C SER B 174 -21.46 6.32 -11.32
N ASP B 175 -21.31 7.62 -11.58
CA ASP B 175 -20.15 8.21 -12.28
C ASP B 175 -18.86 7.89 -11.52
N VAL B 176 -18.86 8.02 -10.19
CA VAL B 176 -17.69 7.71 -9.31
C VAL B 176 -17.34 6.24 -9.50
N LEU B 177 -18.31 5.36 -9.22
CA LEU B 177 -18.12 3.89 -9.19
C LEU B 177 -17.70 3.44 -10.59
N GLU B 178 -18.26 4.04 -11.63
CA GLU B 178 -17.99 3.58 -13.02
C GLU B 178 -16.53 3.92 -13.30
N ALA B 179 -16.05 5.04 -12.78
CA ALA B 179 -14.70 5.54 -13.07
C ALA B 179 -13.70 4.75 -12.22
N CYS B 180 -14.06 4.37 -10.99
CA CYS B 180 -13.23 3.47 -10.15
C CYS B 180 -13.05 2.12 -10.86
N SER B 181 -14.16 1.53 -11.33
CA SER B 181 -14.18 0.28 -12.13
C SER B 181 -13.31 0.44 -13.39
N LYS B 182 -13.62 1.41 -14.25
CA LYS B 182 -12.85 1.68 -15.49
C LYS B 182 -11.34 1.85 -15.20
N THR B 183 -10.92 2.41 -14.05
CA THR B 183 -9.51 2.76 -13.82
C THR B 183 -8.73 1.48 -13.49
N TYR B 184 -9.29 0.67 -12.58
CA TYR B 184 -8.90 -0.75 -12.34
C TYR B 184 -8.76 -1.54 -13.65
N SER B 185 -9.60 -1.29 -14.64
CA SER B 185 -9.63 -2.06 -15.91
C SER B 185 -8.36 -1.76 -16.73
N ILE B 186 -7.86 -0.51 -16.68
CA ILE B 186 -6.61 -0.02 -17.34
C ILE B 186 -5.40 -0.59 -16.59
N LEU B 187 -5.46 -0.70 -15.25
CA LEU B 187 -4.35 -1.11 -14.35
C LEU B 187 -4.07 -2.63 -14.42
N CYS B 188 -5.12 -3.45 -14.45
CA CYS B 188 -4.92 -4.87 -14.78
C CYS B 188 -4.88 -4.87 -16.30
N SER B 189 -3.84 -4.24 -16.84
CA SER B 189 -3.64 -4.07 -18.30
C SER B 189 -3.47 -5.42 -18.97
N GLU B 190 -2.80 -6.34 -18.28
CA GLU B 190 -2.39 -7.73 -18.66
C GLU B 190 -1.08 -7.62 -19.43
N GLU B 191 -0.12 -6.90 -18.83
CA GLU B 191 1.19 -6.68 -19.46
C GLU B 191 2.28 -6.55 -18.40
N TYR B 192 2.28 -5.40 -17.73
CA TYR B 192 3.32 -4.98 -16.75
C TYR B 192 3.40 -5.82 -15.47
N THR B 193 4.41 -5.52 -14.65
CA THR B 193 4.68 -6.26 -13.40
C THR B 193 3.80 -5.76 -12.24
N ILE B 194 3.02 -4.71 -12.47
CA ILE B 194 2.11 -4.16 -11.44
C ILE B 194 0.84 -5.01 -11.46
N GLN B 195 0.53 -5.53 -12.65
CA GLN B 195 -0.67 -6.36 -12.94
C GLN B 195 -0.98 -7.30 -11.78
N ASN B 196 -0.03 -8.12 -11.36
CA ASN B 196 -0.35 -9.01 -10.22
C ASN B 196 -0.65 -8.19 -8.97
N ARG B 197 0.00 -7.03 -8.80
CA ARG B 197 -0.21 -6.20 -7.58
C ARG B 197 -1.62 -5.61 -7.63
N VAL B 198 -2.05 -5.19 -8.82
CA VAL B 198 -3.44 -4.72 -9.15
C VAL B 198 -4.42 -5.86 -8.84
N ASP B 199 -4.26 -7.02 -9.48
CA ASP B 199 -5.11 -8.25 -9.34
C ASP B 199 -5.39 -8.51 -7.86
N ILE B 200 -4.38 -8.47 -7.00
CA ILE B 200 -4.54 -8.85 -5.58
C ILE B 200 -5.47 -7.83 -4.93
N ALA B 201 -5.22 -6.53 -5.17
CA ALA B 201 -5.97 -5.38 -4.59
C ALA B 201 -7.42 -5.40 -5.10
N ARG B 202 -7.65 -5.79 -6.36
CA ARG B 202 -9.00 -5.96 -6.95
C ARG B 202 -9.73 -7.05 -6.17
N SER B 203 -9.19 -8.27 -6.17
CA SER B 203 -9.73 -9.44 -5.42
C SER B 203 -9.87 -9.05 -3.95
N GLN B 204 -8.95 -8.26 -3.43
CA GLN B 204 -9.02 -7.76 -2.03
C GLN B 204 -10.32 -6.96 -1.89
N LEU B 205 -10.63 -6.12 -2.88
CA LEU B 205 -11.72 -5.12 -2.82
C LEU B 205 -13.07 -5.83 -2.97
N ILE B 206 -13.22 -6.66 -4.01
CA ILE B 206 -14.45 -7.46 -4.29
C ILE B 206 -14.76 -8.38 -3.10
N ASP B 207 -13.76 -9.07 -2.54
CA ASP B 207 -13.90 -9.90 -1.33
C ASP B 207 -14.64 -9.06 -0.26
N GLU B 208 -14.27 -7.79 -0.10
CA GLU B 208 -14.84 -6.92 0.97
C GLU B 208 -16.25 -6.51 0.57
N PHE B 209 -16.50 -6.26 -0.72
CA PHE B 209 -17.82 -5.82 -1.24
C PHE B 209 -18.84 -6.93 -1.19
N VAL B 210 -18.41 -8.16 -1.50
CA VAL B 210 -19.26 -9.37 -1.48
C VAL B 210 -19.60 -9.71 -0.04
N ASP B 211 -18.58 -9.81 0.84
CA ASP B 211 -18.82 -10.12 2.28
C ASP B 211 -19.85 -9.13 2.81
N ARG B 212 -19.73 -7.86 2.42
CA ARG B 212 -20.59 -6.78 2.97
C ARG B 212 -21.99 -6.88 2.31
N PHE B 213 -22.05 -7.23 1.02
CA PHE B 213 -23.30 -7.46 0.24
C PHE B 213 -24.04 -8.69 0.78
N ASN B 214 -23.34 -9.81 0.99
CA ASN B 214 -23.92 -11.07 1.52
C ASN B 214 -24.49 -10.85 2.93
N HIS B 215 -23.77 -10.20 3.83
CA HIS B 215 -24.29 -9.80 5.17
C HIS B 215 -25.50 -8.87 4.98
N SER B 216 -25.39 -7.84 4.12
CA SER B 216 -26.46 -6.82 3.85
C SER B 216 -27.76 -7.51 3.40
N VAL B 217 -27.64 -8.47 2.47
CA VAL B 217 -28.78 -9.23 1.91
C VAL B 217 -29.39 -10.04 3.05
N GLU B 218 -28.56 -10.77 3.78
CA GLU B 218 -29.01 -11.59 4.93
C GLU B 218 -29.87 -10.72 5.85
N ASP B 219 -29.34 -9.57 6.28
CA ASP B 219 -30.07 -8.61 7.17
C ASP B 219 -31.42 -8.26 6.53
N LEU B 220 -31.45 -7.87 5.24
CA LEU B 220 -32.67 -7.33 4.57
C LEU B 220 -33.79 -8.37 4.61
N LEU B 221 -33.52 -9.61 4.21
CA LEU B 221 -34.52 -10.71 4.19
C LEU B 221 -34.77 -11.18 5.63
N GLN B 222 -35.29 -10.26 6.46
CA GLN B 222 -35.69 -10.44 7.89
C GLN B 222 -36.90 -9.53 8.15
N GLU B 223 -36.72 -8.21 8.11
CA GLU B 223 -37.81 -7.20 8.27
C GLU B 223 -38.39 -6.89 6.89
N ASP B 228 -36.70 -2.24 7.41
CA ASP B 228 -35.96 -1.09 8.01
C ASP B 228 -35.11 -0.40 6.94
N ASP B 229 -35.06 0.95 6.94
CA ASP B 229 -34.41 1.80 5.90
C ASP B 229 -32.91 1.56 5.82
N ASP B 230 -32.19 1.65 6.93
CA ASP B 230 -30.72 1.44 6.97
C ASP B 230 -30.38 0.14 6.22
N ASP B 231 -31.16 -0.93 6.46
CA ASP B 231 -30.99 -2.26 5.81
C ASP B 231 -31.01 -2.12 4.28
N ILE B 232 -31.99 -1.37 3.76
CA ILE B 232 -32.22 -1.14 2.30
C ILE B 232 -30.96 -0.49 1.71
N TYR B 233 -30.58 0.69 2.19
CA TYR B 233 -29.35 1.41 1.75
C TYR B 233 -28.20 0.40 1.66
N ASN B 234 -27.96 -0.39 2.72
CA ASN B 234 -26.85 -1.37 2.81
C ASN B 234 -26.80 -2.25 1.55
N VAL B 235 -27.95 -2.80 1.15
CA VAL B 235 -28.11 -3.66 -0.05
C VAL B 235 -27.83 -2.79 -1.28
N LEU B 236 -28.59 -1.72 -1.46
CA LEU B 236 -28.49 -0.92 -2.70
C LEU B 236 -27.02 -0.49 -2.89
N SER B 237 -26.37 0.01 -1.85
CA SER B 237 -25.00 0.56 -1.95
C SER B 237 -24.03 -0.58 -2.33
N THR B 238 -23.98 -1.66 -1.56
CA THR B 238 -22.99 -2.75 -1.79
C THR B 238 -23.29 -3.44 -3.13
N LEU B 239 -24.58 -3.56 -3.49
CA LEU B 239 -25.00 -4.13 -4.78
C LEU B 239 -24.50 -3.22 -5.92
N LYS B 240 -24.80 -1.93 -5.83
CA LYS B 240 -24.49 -0.90 -6.85
C LYS B 240 -22.99 -0.90 -7.16
N ARG B 241 -22.17 -1.19 -6.14
CA ARG B 241 -20.70 -1.22 -6.28
C ARG B 241 -20.30 -2.41 -7.14
N LEU B 242 -20.73 -3.59 -6.69
CA LEU B 242 -20.42 -4.89 -7.34
C LEU B 242 -21.00 -4.86 -8.76
N THR B 243 -22.15 -4.23 -8.92
CA THR B 243 -22.81 -4.11 -10.24
C THR B 243 -21.92 -3.24 -11.13
N SER B 244 -21.61 -2.01 -10.72
CA SER B 244 -20.85 -1.08 -11.62
C SER B 244 -19.54 -1.74 -12.00
N PHE B 245 -18.98 -2.58 -11.13
CA PHE B 245 -17.73 -3.32 -11.37
C PHE B 245 -17.93 -4.52 -12.30
N HIS B 246 -19.01 -5.29 -12.09
CA HIS B 246 -19.28 -6.58 -12.79
C HIS B 246 -19.31 -6.33 -14.31
N ASN B 247 -19.56 -5.10 -14.73
CA ASN B 247 -19.59 -4.76 -16.17
C ASN B 247 -18.24 -5.12 -16.78
N ALA B 248 -17.16 -4.53 -16.28
CA ALA B 248 -15.80 -4.53 -16.89
C ALA B 248 -14.93 -5.61 -16.24
N HIS B 249 -15.32 -6.15 -15.09
CA HIS B 249 -14.58 -7.19 -14.35
C HIS B 249 -15.43 -8.48 -14.34
N ASP B 250 -14.83 -9.60 -14.70
CA ASP B 250 -15.43 -10.95 -14.44
C ASP B 250 -15.46 -11.19 -12.92
N LEU B 251 -16.65 -11.23 -12.31
CA LEU B 251 -16.82 -11.49 -10.85
C LEU B 251 -17.56 -12.81 -10.64
N THR B 252 -17.48 -13.75 -11.58
CA THR B 252 -18.17 -15.06 -11.48
C THR B 252 -17.59 -15.88 -10.31
N LYS B 253 -16.27 -15.91 -10.12
CA LYS B 253 -15.65 -16.63 -8.98
C LYS B 253 -16.48 -16.35 -7.72
N TRP B 254 -17.19 -15.22 -7.64
CA TRP B 254 -18.09 -14.82 -6.51
C TRP B 254 -19.54 -15.09 -6.94
N ASP B 255 -20.39 -15.70 -6.11
CA ASP B 255 -21.74 -16.16 -6.57
C ASP B 255 -22.75 -15.01 -6.48
N LEU B 256 -22.51 -13.91 -7.19
CA LEU B 256 -23.41 -12.73 -7.11
C LEU B 256 -24.80 -13.05 -7.67
N PHE B 257 -24.86 -13.94 -8.66
CA PHE B 257 -26.14 -14.28 -9.33
C PHE B 257 -27.10 -14.86 -8.28
N GLY B 258 -26.62 -15.79 -7.48
CA GLY B 258 -27.48 -16.41 -6.46
C GLY B 258 -28.18 -15.33 -5.66
N ASN B 259 -27.40 -14.48 -5.02
CA ASN B 259 -27.92 -13.47 -4.06
C ASN B 259 -28.85 -12.51 -4.80
N CYS B 260 -28.51 -12.15 -6.03
CA CYS B 260 -29.34 -11.23 -6.85
C CYS B 260 -30.63 -11.97 -7.19
N TYR B 261 -30.56 -13.28 -7.46
CA TYR B 261 -31.74 -14.10 -7.84
C TYR B 261 -32.75 -14.13 -6.69
N ARG B 262 -32.28 -14.38 -5.46
CA ARG B 262 -33.07 -14.32 -4.19
C ARG B 262 -33.77 -12.95 -4.07
N LEU B 263 -33.01 -11.85 -4.11
CA LEU B 263 -33.56 -10.47 -3.97
C LEU B 263 -34.72 -10.29 -4.94
N LEU B 264 -34.58 -10.80 -6.17
CA LEU B 264 -35.56 -10.60 -7.26
C LEU B 264 -36.79 -11.49 -7.02
N LYS B 265 -36.57 -12.72 -6.52
CA LYS B 265 -37.65 -13.70 -6.28
C LYS B 265 -38.50 -13.26 -5.08
N THR B 266 -37.85 -12.70 -4.05
CA THR B 266 -38.50 -12.08 -2.86
C THR B 266 -39.28 -10.82 -3.26
N GLY B 267 -38.79 -10.08 -4.26
CA GLY B 267 -39.43 -8.87 -4.78
C GLY B 267 -40.64 -9.22 -5.62
N ILE B 268 -40.54 -10.34 -6.35
CA ILE B 268 -41.60 -10.91 -7.23
C ILE B 268 -42.70 -11.56 -6.38
N GLU B 269 -42.36 -12.28 -5.30
CA GLU B 269 -43.30 -13.02 -4.41
C GLU B 269 -43.82 -12.13 -3.26
N HIS B 270 -43.63 -10.81 -3.30
CA HIS B 270 -44.27 -9.83 -2.37
C HIS B 270 -44.61 -8.52 -3.10
N GLY B 271 -43.69 -7.97 -3.89
CA GLY B 271 -43.70 -6.56 -4.32
C GLY B 271 -42.92 -5.70 -3.35
N ALA B 272 -42.34 -6.33 -2.31
CA ALA B 272 -41.78 -5.66 -1.10
C ALA B 272 -40.50 -4.89 -1.42
N MET B 273 -39.84 -5.15 -2.57
CA MET B 273 -38.44 -4.71 -2.85
C MET B 273 -38.42 -3.35 -3.52
N PRO B 274 -37.60 -2.38 -3.02
CA PRO B 274 -37.41 -1.09 -3.69
C PRO B 274 -36.95 -1.21 -5.14
N GLU B 275 -37.29 -0.21 -5.97
CA GLU B 275 -37.09 -0.28 -7.43
C GLU B 275 -35.59 -0.32 -7.72
N GLN B 276 -34.78 0.47 -7.01
CA GLN B 276 -33.36 0.63 -7.39
C GLN B 276 -32.63 -0.69 -7.09
N ILE B 277 -32.96 -1.40 -6.01
CA ILE B 277 -32.34 -2.73 -5.71
C ILE B 277 -32.74 -3.70 -6.82
N VAL B 278 -34.01 -3.71 -7.20
CA VAL B 278 -34.53 -4.59 -8.27
C VAL B 278 -33.71 -4.32 -9.54
N VAL B 279 -33.42 -3.04 -9.85
CA VAL B 279 -32.79 -2.66 -11.15
C VAL B 279 -31.33 -3.12 -11.14
N GLN B 280 -30.58 -2.73 -10.11
CA GLN B 280 -29.16 -3.14 -9.91
C GLN B 280 -29.11 -4.68 -9.91
N ALA B 281 -30.08 -5.33 -9.28
CA ALA B 281 -30.13 -6.80 -9.17
C ALA B 281 -30.26 -7.41 -10.57
N LEU B 282 -31.17 -6.86 -11.38
CA LEU B 282 -31.34 -7.27 -12.79
C LEU B 282 -30.01 -7.07 -13.50
N GLN B 283 -29.45 -5.86 -13.37
CA GLN B 283 -28.24 -5.46 -14.12
C GLN B 283 -27.11 -6.45 -13.77
N CYS B 284 -26.89 -6.72 -12.50
CA CYS B 284 -25.72 -7.51 -12.03
C CYS B 284 -25.79 -8.93 -12.61
N SER B 285 -26.97 -9.53 -12.50
CA SER B 285 -27.35 -10.88 -12.97
C SER B 285 -27.10 -11.02 -14.48
N HIS B 286 -27.32 -9.94 -15.21
CA HIS B 286 -27.05 -9.87 -16.67
C HIS B 286 -25.53 -9.81 -16.87
N TYR B 287 -24.81 -9.06 -16.04
CA TYR B 287 -23.33 -9.00 -16.13
C TYR B 287 -22.76 -10.38 -15.82
N SER B 288 -23.22 -10.99 -14.71
CA SER B 288 -22.90 -12.40 -14.34
C SER B 288 -23.05 -13.27 -15.59
N ILE B 289 -24.22 -13.19 -16.24
CA ILE B 289 -24.62 -14.08 -17.36
C ILE B 289 -23.66 -13.85 -18.55
N LEU B 290 -23.33 -12.60 -18.85
CA LEU B 290 -22.45 -12.26 -20.02
C LEU B 290 -21.02 -12.78 -19.78
N TRP B 291 -20.50 -12.66 -18.56
CA TRP B 291 -19.16 -13.21 -18.26
C TRP B 291 -19.20 -14.73 -18.33
N GLN B 292 -20.29 -15.35 -17.90
CA GLN B 292 -20.42 -16.83 -17.98
C GLN B 292 -20.33 -17.23 -19.46
N LEU B 293 -21.04 -16.51 -20.34
CA LEU B 293 -21.10 -16.83 -21.80
C LEU B 293 -19.72 -16.66 -22.47
N VAL B 294 -18.89 -15.73 -21.98
CA VAL B 294 -17.51 -15.52 -22.51
C VAL B 294 -16.65 -16.72 -22.10
N LYS B 295 -16.68 -17.12 -20.81
CA LYS B 295 -15.85 -18.24 -20.27
C LYS B 295 -16.16 -19.53 -21.04
N ILE B 296 -17.30 -19.56 -21.72
CA ILE B 296 -17.81 -20.71 -22.52
C ILE B 296 -17.45 -20.51 -23.99
N THR B 297 -17.68 -19.32 -24.56
CA THR B 297 -17.37 -19.04 -25.99
C THR B 297 -15.85 -19.06 -26.21
N ASP B 298 -15.05 -18.79 -25.17
CA ASP B 298 -13.58 -18.63 -25.23
C ASP B 298 -12.84 -19.76 -24.48
N GLY B 299 -13.54 -20.69 -23.85
CA GLY B 299 -12.92 -21.94 -23.34
C GLY B 299 -13.14 -23.05 -24.33
N SER B 300 -13.06 -24.30 -23.88
CA SER B 300 -13.70 -25.48 -24.53
C SER B 300 -14.58 -26.18 -23.48
N PRO B 301 -15.92 -25.97 -23.54
CA PRO B 301 -16.81 -26.40 -22.45
C PRO B 301 -17.43 -27.80 -22.60
N SER B 302 -17.67 -28.45 -21.46
CA SER B 302 -18.38 -29.74 -21.36
C SER B 302 -19.88 -29.48 -21.58
N LYS B 303 -20.66 -30.52 -21.89
CA LYS B 303 -22.13 -30.37 -22.02
C LYS B 303 -22.70 -29.84 -20.70
N GLU B 304 -22.15 -30.25 -19.56
CA GLU B 304 -22.63 -29.86 -18.19
C GLU B 304 -22.52 -28.36 -18.03
N ASP B 305 -21.38 -27.81 -18.49
CA ASP B 305 -21.13 -26.35 -18.52
C ASP B 305 -22.31 -25.70 -19.25
N LEU B 306 -22.64 -26.17 -20.45
CA LEU B 306 -23.68 -25.55 -21.30
C LEU B 306 -25.03 -25.65 -20.57
N LEU B 307 -25.36 -26.78 -19.94
CA LEU B 307 -26.71 -27.03 -19.38
C LEU B 307 -26.89 -26.16 -18.12
N VAL B 308 -25.80 -25.97 -17.37
CA VAL B 308 -25.76 -25.14 -16.13
C VAL B 308 -26.09 -23.68 -16.47
N LEU B 309 -25.49 -23.10 -17.51
CA LEU B 309 -25.80 -21.72 -17.95
C LEU B 309 -27.21 -21.66 -18.53
N ARG B 310 -27.62 -22.65 -19.34
CA ARG B 310 -29.02 -22.75 -19.87
C ARG B 310 -29.99 -22.56 -18.71
N LYS B 311 -29.78 -23.28 -17.61
CA LYS B 311 -30.63 -23.21 -16.38
C LYS B 311 -30.67 -21.75 -15.89
N THR B 312 -29.51 -21.15 -15.65
CA THR B 312 -29.36 -19.77 -15.13
C THR B 312 -30.09 -18.80 -16.07
N VAL B 313 -29.85 -18.93 -17.39
CA VAL B 313 -30.39 -18.00 -18.42
C VAL B 313 -31.93 -18.07 -18.42
N LYS B 314 -32.53 -19.27 -18.32
CA LYS B 314 -34.00 -19.46 -18.31
C LYS B 314 -34.60 -18.93 -17.01
N SER B 315 -33.94 -19.11 -15.86
CA SER B 315 -34.36 -18.52 -14.56
C SER B 315 -34.44 -17.01 -14.70
N PHE B 316 -33.43 -16.42 -15.32
CA PHE B 316 -33.29 -14.95 -15.40
C PHE B 316 -34.36 -14.42 -16.35
N LEU B 317 -34.45 -15.00 -17.54
CA LEU B 317 -35.49 -14.65 -18.54
C LEU B 317 -36.86 -14.65 -17.85
N ALA B 318 -37.13 -15.69 -17.06
CA ALA B 318 -38.36 -15.81 -16.26
C ALA B 318 -38.49 -14.57 -15.36
N VAL B 319 -37.43 -14.23 -14.63
CA VAL B 319 -37.44 -13.12 -13.63
C VAL B 319 -37.75 -11.79 -14.35
N CYS B 320 -37.16 -11.58 -15.54
CA CYS B 320 -37.34 -10.33 -16.32
C CYS B 320 -38.79 -10.23 -16.82
N GLN B 321 -39.33 -11.29 -17.44
CA GLN B 321 -40.75 -11.31 -17.88
C GLN B 321 -41.65 -11.04 -16.68
N GLN B 322 -41.46 -11.79 -15.59
CA GLN B 322 -42.19 -11.55 -14.33
C GLN B 322 -42.06 -10.08 -13.92
N CYS B 323 -40.96 -9.41 -14.31
CA CYS B 323 -40.62 -8.01 -13.90
C CYS B 323 -41.28 -6.95 -14.81
N LEU B 324 -41.69 -7.30 -16.04
CA LEU B 324 -42.47 -6.37 -16.90
C LEU B 324 -43.77 -5.96 -16.19
N SER B 325 -44.22 -6.76 -15.22
CA SER B 325 -45.50 -6.55 -14.50
C SER B 325 -45.23 -5.86 -13.16
N ASN B 326 -43.96 -5.57 -12.83
CA ASN B 326 -43.63 -4.70 -11.67
C ASN B 326 -44.30 -3.35 -11.93
N VAL B 327 -44.73 -2.65 -10.89
CA VAL B 327 -45.41 -1.33 -11.05
C VAL B 327 -44.38 -0.32 -11.56
N ASN B 328 -43.21 -0.20 -10.92
CA ASN B 328 -42.22 0.89 -11.17
C ASN B 328 -41.74 0.81 -12.62
N THR B 329 -41.89 1.91 -13.37
CA THR B 329 -41.58 1.98 -14.81
C THR B 329 -40.09 1.69 -15.06
N PRO B 330 -39.14 2.28 -14.30
CA PRO B 330 -37.73 1.94 -14.52
C PRO B 330 -37.46 0.43 -14.39
N VAL B 331 -38.21 -0.27 -13.52
CA VAL B 331 -38.06 -1.74 -13.35
C VAL B 331 -38.58 -2.47 -14.59
N LYS B 332 -39.66 -1.97 -15.19
CA LYS B 332 -40.14 -2.47 -16.51
C LYS B 332 -39.08 -2.18 -17.58
N GLU B 333 -38.55 -0.96 -17.60
CA GLU B 333 -37.63 -0.53 -18.69
C GLU B 333 -36.35 -1.39 -18.64
N GLN B 334 -35.80 -1.63 -17.45
CA GLN B 334 -34.60 -2.50 -17.29
C GLN B 334 -34.93 -3.92 -17.76
N ALA B 335 -35.90 -4.57 -17.11
CA ALA B 335 -36.47 -5.90 -17.47
C ALA B 335 -36.54 -6.03 -18.99
N PHE B 336 -37.11 -5.01 -19.64
CA PHE B 336 -37.42 -5.01 -21.09
C PHE B 336 -36.12 -4.94 -21.91
N MET B 337 -35.19 -4.05 -21.57
CA MET B 337 -33.93 -3.92 -22.35
C MET B 337 -33.16 -5.25 -22.23
N LEU B 338 -33.13 -5.82 -21.02
CA LEU B 338 -32.29 -6.99 -20.71
C LEU B 338 -32.81 -8.19 -21.50
N LEU B 339 -34.13 -8.37 -21.54
CA LEU B 339 -34.80 -9.40 -22.37
C LEU B 339 -34.42 -9.21 -23.85
N CYS B 340 -34.49 -8.00 -24.38
CA CYS B 340 -34.20 -7.69 -25.80
C CYS B 340 -32.73 -7.98 -26.09
N ASP B 341 -31.83 -7.63 -25.17
CA ASP B 341 -30.39 -7.91 -25.31
C ASP B 341 -30.20 -9.44 -25.24
N LEU B 342 -30.88 -10.14 -24.31
CA LEU B 342 -30.69 -11.60 -24.06
C LEU B 342 -31.18 -12.47 -25.26
N LEU B 343 -32.41 -12.22 -25.74
CA LEU B 343 -33.02 -12.91 -26.91
C LEU B 343 -32.16 -12.75 -28.16
N MET B 344 -31.50 -11.60 -28.28
CA MET B 344 -30.58 -11.27 -29.40
C MET B 344 -29.29 -12.09 -29.20
N ILE B 345 -28.79 -12.22 -27.95
CA ILE B 345 -27.52 -12.93 -27.66
C ILE B 345 -27.68 -14.45 -27.72
N PHE B 346 -28.83 -14.98 -27.26
CA PHE B 346 -29.08 -16.45 -27.11
C PHE B 346 -30.08 -16.91 -28.18
N SER B 347 -29.59 -17.03 -29.41
CA SER B 347 -30.37 -17.14 -30.66
C SER B 347 -29.46 -17.78 -31.70
N HIS B 348 -30.00 -18.23 -32.83
CA HIS B 348 -29.17 -18.83 -33.92
C HIS B 348 -27.90 -17.97 -34.08
N GLN B 349 -27.99 -16.65 -33.89
CA GLN B 349 -26.84 -15.72 -34.02
C GLN B 349 -25.64 -16.31 -33.28
N LEU B 350 -25.91 -16.87 -32.10
CA LEU B 350 -24.90 -17.45 -31.19
C LEU B 350 -24.08 -18.52 -31.91
N MET B 351 -24.70 -19.22 -32.88
CA MET B 351 -24.14 -20.49 -33.45
C MET B 351 -23.26 -20.25 -34.67
N THR B 352 -23.57 -19.26 -35.51
CA THR B 352 -22.82 -18.97 -36.77
C THR B 352 -21.35 -18.72 -36.41
N GLY B 353 -20.45 -19.01 -37.35
CA GLY B 353 -19.00 -18.92 -37.17
C GLY B 353 -18.48 -20.18 -36.51
N GLY B 354 -18.92 -21.35 -37.01
CA GLY B 354 -18.44 -22.70 -36.63
C GLY B 354 -18.62 -23.00 -35.16
N ARG B 355 -19.68 -22.45 -34.54
CA ARG B 355 -20.07 -22.63 -33.11
C ARG B 355 -21.43 -23.36 -33.05
N GLU B 356 -21.52 -24.53 -33.68
CA GLU B 356 -22.76 -25.37 -33.71
C GLU B 356 -22.94 -26.04 -32.34
N GLY B 357 -21.83 -26.37 -31.65
CA GLY B 357 -21.80 -27.04 -30.33
C GLY B 357 -22.55 -26.28 -29.26
N LEU B 358 -22.94 -25.01 -29.52
CA LEU B 358 -23.68 -24.14 -28.56
C LEU B 358 -25.20 -24.14 -28.82
N GLN B 359 -25.72 -25.13 -29.56
CA GLN B 359 -27.18 -25.25 -29.84
C GLN B 359 -27.98 -25.23 -28.52
N PRO B 360 -27.52 -25.87 -27.41
CA PRO B 360 -28.29 -25.89 -26.17
C PRO B 360 -28.40 -24.58 -25.36
N LEU B 361 -27.69 -23.52 -25.78
CA LEU B 361 -27.80 -22.16 -25.18
C LEU B 361 -28.72 -21.26 -26.00
N VAL B 362 -29.34 -21.78 -27.06
CA VAL B 362 -30.30 -21.01 -27.93
C VAL B 362 -31.68 -21.02 -27.27
N PHE B 363 -32.45 -19.95 -27.47
CA PHE B 363 -33.78 -19.71 -26.85
C PHE B 363 -34.68 -18.99 -27.85
N ASN B 364 -35.73 -19.66 -28.31
CA ASN B 364 -36.78 -19.00 -29.14
C ASN B 364 -37.82 -18.51 -28.15
N PRO B 365 -38.22 -17.21 -28.20
CA PRO B 365 -39.26 -16.71 -27.29
C PRO B 365 -40.65 -17.33 -27.62
N ASP B 366 -41.36 -17.80 -26.59
CA ASP B 366 -42.74 -18.33 -26.74
C ASP B 366 -43.60 -17.15 -27.24
N THR B 367 -44.76 -17.42 -27.82
CA THR B 367 -45.75 -16.39 -28.26
C THR B 367 -46.11 -15.44 -27.10
N GLY B 368 -46.37 -15.99 -25.91
CA GLY B 368 -46.81 -15.23 -24.73
C GLY B 368 -45.80 -14.19 -24.29
N LEU B 369 -44.51 -14.40 -24.59
CA LEU B 369 -43.45 -13.38 -24.38
C LEU B 369 -43.53 -12.34 -25.51
N GLN B 370 -43.39 -12.79 -26.76
CA GLN B 370 -43.50 -11.96 -28.00
C GLN B 370 -44.68 -11.00 -27.86
N SER B 371 -45.83 -11.53 -27.42
CA SER B 371 -47.04 -10.73 -27.11
C SER B 371 -46.75 -9.72 -25.98
N GLU B 372 -45.97 -10.09 -24.96
CA GLU B 372 -45.79 -9.23 -23.76
C GLU B 372 -44.69 -8.18 -23.98
N LEU B 373 -43.67 -8.51 -24.76
CA LEU B 373 -42.65 -7.52 -25.21
C LEU B 373 -43.31 -6.48 -26.13
N LEU B 374 -44.05 -6.94 -27.13
CA LEU B 374 -44.92 -6.07 -27.96
C LEU B 374 -45.72 -5.13 -27.04
N SER B 375 -46.58 -5.70 -26.19
CA SER B 375 -47.52 -4.96 -25.31
C SER B 375 -46.81 -3.77 -24.65
N PHE B 376 -45.56 -3.98 -24.24
CA PHE B 376 -44.71 -3.00 -23.49
C PHE B 376 -44.33 -1.85 -24.44
N VAL B 377 -44.07 -2.15 -25.71
CA VAL B 377 -43.68 -1.16 -26.74
C VAL B 377 -44.87 -0.24 -27.03
N MET B 378 -46.05 -0.81 -27.28
CA MET B 378 -47.32 -0.06 -27.46
C MET B 378 -47.51 0.88 -26.26
N ASP B 379 -47.30 0.33 -25.07
CA ASP B 379 -47.61 0.99 -23.78
C ASP B 379 -46.58 2.10 -23.46
N HIS B 380 -45.31 2.00 -23.91
CA HIS B 380 -44.21 2.91 -23.46
C HIS B 380 -43.50 3.63 -24.60
N VAL B 381 -43.67 3.19 -25.85
CA VAL B 381 -43.06 3.87 -27.03
C VAL B 381 -44.10 4.79 -27.68
N PHE B 382 -45.39 4.40 -27.70
CA PHE B 382 -46.45 5.08 -28.49
C PHE B 382 -47.44 5.83 -27.55
N ILE B 383 -47.27 7.17 -27.44
CA ILE B 383 -47.92 8.09 -26.44
C ILE B 383 -48.22 9.48 -27.05
N ASP B 384 -49.11 10.26 -26.41
CA ASP B 384 -49.42 11.68 -26.72
C ASP B 384 -48.16 12.44 -27.16
N ASP B 398 -39.13 24.12 -19.55
CA ASP B 398 -37.94 23.30 -19.94
C ASP B 398 -38.27 22.40 -21.14
N GLU B 399 -37.93 22.90 -22.33
CA GLU B 399 -38.03 22.21 -23.66
C GLU B 399 -36.91 21.18 -23.82
N ALA B 400 -35.95 21.14 -22.89
CA ALA B 400 -34.82 20.17 -22.84
C ALA B 400 -35.20 18.91 -22.05
N ASN B 401 -36.22 18.99 -21.20
CA ASN B 401 -36.66 17.86 -20.33
C ASN B 401 -37.37 16.79 -21.15
N LYS B 402 -37.96 17.16 -22.29
CA LYS B 402 -38.80 16.26 -23.14
C LYS B 402 -37.91 15.44 -24.08
N ILE B 403 -36.80 16.01 -24.56
CA ILE B 403 -35.83 15.34 -25.46
C ILE B 403 -35.04 14.31 -24.64
N GLU B 404 -34.99 14.52 -23.32
CA GLU B 404 -34.62 13.47 -22.34
C GLU B 404 -35.28 12.18 -22.82
N ALA B 405 -36.58 12.05 -22.53
CA ALA B 405 -37.38 10.80 -22.59
C ALA B 405 -37.52 10.27 -24.04
N LEU B 406 -37.55 11.15 -25.04
CA LEU B 406 -37.68 10.78 -26.49
C LEU B 406 -36.54 9.83 -26.90
N HIS B 407 -35.29 10.10 -26.48
CA HIS B 407 -34.11 9.24 -26.81
C HIS B 407 -34.20 7.95 -26.00
N LYS B 408 -34.88 7.99 -24.85
CA LYS B 408 -35.10 6.80 -24.00
C LYS B 408 -36.10 5.88 -24.69
N ARG B 409 -37.18 6.46 -25.23
CA ARG B 409 -38.24 5.72 -25.97
C ARG B 409 -37.63 5.12 -27.24
N ARG B 410 -36.78 5.89 -27.93
CA ARG B 410 -36.15 5.46 -29.20
C ARG B 410 -35.36 4.17 -28.94
N ASN B 411 -34.70 4.07 -27.79
CA ASN B 411 -33.79 2.92 -27.44
C ASN B 411 -34.61 1.66 -27.16
N LEU B 412 -35.72 1.83 -26.42
CA LEU B 412 -36.71 0.75 -26.17
C LEU B 412 -37.13 0.19 -27.54
N LEU B 413 -37.41 1.07 -28.50
CA LEU B 413 -37.92 0.70 -29.85
C LEU B 413 -36.81 0.03 -30.65
N ALA B 414 -35.66 0.69 -30.80
CA ALA B 414 -34.52 0.16 -31.57
C ALA B 414 -34.15 -1.23 -31.03
N ALA B 415 -34.35 -1.46 -29.73
CA ALA B 415 -34.07 -2.77 -29.09
C ALA B 415 -35.06 -3.80 -29.63
N PHE B 416 -36.37 -3.55 -29.52
CA PHE B 416 -37.44 -4.47 -29.98
C PHE B 416 -37.34 -4.67 -31.49
N SER B 417 -36.96 -3.63 -32.23
CA SER B 417 -36.77 -3.65 -33.71
C SER B 417 -35.72 -4.71 -34.08
N LYS B 418 -34.50 -4.57 -33.57
CA LYS B 418 -33.38 -5.53 -33.74
C LYS B 418 -33.90 -6.98 -33.66
N LEU B 419 -34.86 -7.29 -32.77
CA LEU B 419 -35.44 -8.66 -32.63
C LEU B 419 -36.13 -9.07 -33.93
N ILE B 420 -36.87 -8.13 -34.55
CA ILE B 420 -37.60 -8.31 -35.84
C ILE B 420 -36.59 -8.43 -36.99
N ILE B 421 -35.70 -7.46 -37.17
CA ILE B 421 -34.63 -7.49 -38.22
C ILE B 421 -33.84 -8.81 -38.17
N TYR B 422 -33.72 -9.53 -37.04
CA TYR B 422 -32.90 -10.79 -36.98
C TYR B 422 -33.78 -12.05 -36.81
N ASP B 423 -35.08 -11.97 -37.12
CA ASP B 423 -36.00 -13.13 -37.32
C ASP B 423 -36.34 -13.79 -35.98
N ILE B 424 -36.34 -13.03 -34.89
CA ILE B 424 -36.39 -13.53 -33.48
C ILE B 424 -37.81 -13.38 -32.93
N VAL B 425 -38.38 -12.20 -33.12
CA VAL B 425 -39.81 -11.97 -32.87
C VAL B 425 -40.47 -11.82 -34.24
N ASP B 426 -41.68 -12.34 -34.37
CA ASP B 426 -42.40 -12.46 -35.67
C ASP B 426 -42.95 -11.09 -36.04
N MET B 427 -42.84 -10.72 -37.31
CA MET B 427 -43.21 -9.36 -37.79
C MET B 427 -44.74 -9.20 -37.92
N HIS B 428 -45.48 -10.27 -38.24
CA HIS B 428 -46.97 -10.28 -38.33
C HIS B 428 -47.52 -9.99 -36.92
N ALA B 429 -47.02 -10.70 -35.91
CA ALA B 429 -47.45 -10.54 -34.50
C ALA B 429 -47.11 -9.11 -34.06
N ALA B 430 -45.97 -8.60 -34.53
CA ALA B 430 -45.35 -7.31 -34.12
C ALA B 430 -45.86 -6.13 -34.97
N ALA B 431 -46.78 -6.37 -35.90
CA ALA B 431 -47.29 -5.35 -36.85
C ALA B 431 -47.89 -4.17 -36.09
N ASP B 432 -48.44 -4.40 -34.89
CA ASP B 432 -49.13 -3.39 -34.04
C ASP B 432 -48.36 -2.06 -33.91
N ILE B 433 -47.01 -2.02 -34.04
CA ILE B 433 -46.15 -0.79 -33.85
C ILE B 433 -46.27 0.16 -35.06
N PHE B 434 -46.23 -0.42 -36.29
CA PHE B 434 -46.24 0.23 -37.64
C PHE B 434 -47.61 0.85 -37.94
N LYS B 435 -48.67 0.37 -37.28
CA LYS B 435 -50.07 0.90 -37.35
C LYS B 435 -50.05 2.42 -37.18
N HIS B 436 -49.20 2.95 -36.28
CA HIS B 436 -49.00 4.41 -36.08
C HIS B 436 -47.62 4.82 -36.65
N TYR B 437 -47.28 4.41 -37.88
CA TYR B 437 -45.93 4.59 -38.51
C TYR B 437 -45.75 6.02 -39.00
N MET B 438 -46.74 6.52 -39.73
CA MET B 438 -46.78 7.94 -40.18
C MET B 438 -46.94 8.83 -38.93
N LYS B 439 -47.93 8.57 -38.07
CA LYS B 439 -48.29 9.42 -36.89
C LYS B 439 -46.99 9.82 -36.16
N TYR B 440 -46.06 8.90 -35.96
CA TYR B 440 -44.82 9.15 -35.20
C TYR B 440 -43.62 9.15 -36.16
N TYR B 441 -43.79 9.57 -37.43
CA TYR B 441 -42.63 9.60 -38.37
C TYR B 441 -41.56 10.57 -37.84
N ASN B 442 -41.96 11.70 -37.22
CA ASN B 442 -41.02 12.67 -36.62
C ASN B 442 -40.17 11.95 -35.56
N ASP B 443 -40.81 11.22 -34.64
CA ASP B 443 -40.16 10.67 -33.41
C ASP B 443 -39.38 9.38 -33.73
N TYR B 444 -39.95 8.46 -34.53
CA TYR B 444 -39.45 7.06 -34.69
C TYR B 444 -39.14 6.73 -36.15
N GLY B 445 -39.95 7.28 -37.08
CA GLY B 445 -39.84 7.12 -38.54
C GLY B 445 -38.55 6.47 -39.01
N ASP B 446 -37.38 7.03 -38.69
CA ASP B 446 -36.09 6.49 -39.18
C ASP B 446 -35.98 5.03 -38.71
N ILE B 447 -36.31 4.76 -37.43
CA ILE B 447 -36.20 3.41 -36.83
C ILE B 447 -37.24 2.50 -37.48
N ILE B 448 -38.51 2.90 -37.48
CA ILE B 448 -39.57 2.05 -38.10
C ILE B 448 -39.21 1.77 -39.57
N LYS B 449 -38.82 2.76 -40.38
CA LYS B 449 -38.60 2.58 -41.84
C LYS B 449 -37.41 1.62 -42.09
N GLU B 450 -36.34 1.74 -41.31
CA GLU B 450 -35.14 0.88 -41.40
C GLU B 450 -35.49 -0.58 -41.06
N THR B 451 -36.53 -0.79 -40.25
CA THR B 451 -37.02 -2.12 -39.82
C THR B 451 -37.79 -2.77 -40.97
N LEU B 452 -38.86 -2.09 -41.46
CA LEU B 452 -39.69 -2.50 -42.62
C LEU B 452 -38.75 -2.64 -43.83
N SER B 453 -37.78 -1.73 -43.97
CA SER B 453 -36.76 -1.74 -45.05
C SER B 453 -36.11 -3.12 -45.11
N LYS B 454 -35.54 -3.60 -44.00
CA LYS B 454 -34.48 -4.63 -44.05
C LYS B 454 -35.08 -6.05 -44.06
N THR B 455 -36.12 -6.37 -43.30
CA THR B 455 -36.66 -7.76 -43.25
C THR B 455 -37.11 -8.20 -44.64
C4 LVV C . 11.84 12.29 37.49
C5 LVV C . 11.55 12.64 36.18
C6 LVV C . 10.89 11.74 35.36
C7 LVV C . 12.55 13.24 38.40
C8 LVV C . 10.76 14.76 38.52
C10 LVV C . 11.65 15.88 40.76
N LVV C . 11.64 13.91 39.31
C LVV C . 9.78 9.52 34.91
O LVV C . 10.34 17.76 39.50
C1 LVV C . 10.49 10.50 35.82
C11 LVV C . 12.41 14.66 40.30
C2 LVV C . 10.76 10.17 37.13
C3 LVV C . 11.43 11.06 37.97
C9 LVV C . 11.50 15.98 37.98
O1 LVV C . 12.82 17.78 39.39
S LVV C . 11.58 17.05 39.40
#